data_3FC6
#
_entry.id   3FC6
#
_cell.length_a   122.162
_cell.length_b   90.029
_cell.length_c   101.642
_cell.angle_alpha   90.00
_cell.angle_beta   111.92
_cell.angle_gamma   90.00
#
_symmetry.space_group_name_H-M   'C 1 2 1'
#
loop_
_entity.id
_entity.type
_entity.pdbx_description
1 polymer 'Retinoic acid receptor RXR-alpha'
2 polymer 'Nr1h3 protein'
3 non-polymer 'RETINOIC ACID'
4 non-polymer '[4-(3-{[2-chloro-3-(trifluoromethyl)benzyl](2,2-diphenylethyl)amino}propoxy)-1H-indol-1-yl]acetic acid'
5 water water
#
loop_
_entity_poly.entity_id
_entity_poly.type
_entity_poly.pdbx_seq_one_letter_code
_entity_poly.pdbx_strand_id
1 'polypeptide(L)'
;MKKGSANEDMPVERILEAELAVEPKTETYVEANMGLNPSSPNDPVTNICQAADKQLFTLVEWAKRIPHFSELPLDDQVIL
LRAGWNELLIASFSHRSIAVKDGILLATGLHVHRNSAHSAGVGAIFDRVLTELVSKMRDMQMDKTELGCLRAIVLFNPDS
KGLSNPAEVEALREKVYASLEAYCKHKYPEQPGRFAKLLLRLPALRSIGLKCLEHLFFFKLIGDTPIDTFLMEMLEAPHQ
MT
;
A,C
2 'polypeptide(L)'
;MRGSHHHHHHGMASLVPRGSVLPQLSPEQLGMIEKLVAAQQQCNRRSFSDRLRVTPWPIAPDPQSREARQQRFAHFTELA
IVSVQEIVDFAKQLPGFLQLSREDQIALLKTSAIEVMLLETSRRYNPGSESITFLKDFSYNREDFAKAGLQVEFINPIFE
FSRAMNELQLNDAEFALLIAISIFSADRPNVQDQLQVERLQHTYVEALHAYVSINHPHDPLMFPRMLMKLVSLRTLSSVH
SEQVFALRLQDKKLPPLLSEIWDVHE
;
B,D
#
loop_
_chem_comp.id
_chem_comp.type
_chem_comp.name
_chem_comp.formula
LX2 non-polymer '[4-(3-{[2-chloro-3-(trifluoromethyl)benzyl](2,2-diphenylethyl)amino}propoxy)-1H-indol-1-yl]acetic acid' 'C35 H32 Cl F3 N2 O3'
REA non-polymer 'RETINOIC ACID' 'C20 H28 O2'
#
# COMPACT_ATOMS: atom_id res chain seq x y z
N SER A 5 3.71 32.41 26.25
CA SER A 5 2.95 32.73 25.05
C SER A 5 3.07 31.60 24.04
N ALA A 6 4.23 30.95 24.03
CA ALA A 6 4.42 29.75 23.23
C ALA A 6 3.57 28.64 23.83
N ASN A 7 3.61 28.51 25.15
CA ASN A 7 2.80 27.52 25.84
C ASN A 7 1.32 27.87 25.75
N GLU A 8 1.02 29.15 25.74
CA GLU A 8 -0.37 29.58 25.69
C GLU A 8 -1.01 29.21 24.34
N ASP A 9 -0.21 29.23 23.29
CA ASP A 9 -0.67 28.87 21.95
C ASP A 9 -0.80 27.36 21.78
N MET A 10 -0.11 26.61 22.63
CA MET A 10 -0.11 25.13 22.60
C MET A 10 0.24 24.59 23.98
N PRO A 11 -0.71 24.65 24.93
CA PRO A 11 -0.39 24.35 26.32
C PRO A 11 0.09 22.91 26.53
N VAL A 12 1.28 22.75 27.08
CA VAL A 12 1.82 21.43 27.35
C VAL A 12 1.02 20.75 28.45
N GLU A 13 0.21 21.54 29.16
CA GLU A 13 -0.68 21.03 30.19
C GLU A 13 -1.85 20.25 29.56
N ARG A 14 -2.43 20.82 28.51
CA ARG A 14 -3.48 20.11 27.78
C ARG A 14 -2.93 18.83 27.13
N ILE A 15 -1.75 18.94 26.52
CA ILE A 15 -1.11 17.79 25.86
C ILE A 15 -0.87 16.67 26.85
N LEU A 16 -0.44 17.03 28.06
CA LEU A 16 -0.31 16.06 29.14
C LEU A 16 -1.66 15.40 29.46
N GLU A 17 -2.68 16.23 29.69
CA GLU A 17 -4.02 15.73 29.98
C GLU A 17 -4.50 14.78 28.90
N ALA A 18 -4.22 15.12 27.63
CA ALA A 18 -4.53 14.24 26.51
C ALA A 18 -3.92 12.85 26.68
N GLU A 19 -2.64 12.81 27.07
CA GLU A 19 -1.95 11.55 27.29
C GLU A 19 -2.53 10.77 28.47
N LEU A 20 -2.90 11.47 29.54
CA LEU A 20 -3.44 10.80 30.73
C LEU A 20 -4.86 10.32 30.49
N ALA A 21 -5.57 10.99 29.59
CA ALA A 21 -6.93 10.60 29.23
C ALA A 21 -7.00 9.21 28.59
N VAL A 22 -5.94 8.78 27.94
CA VAL A 22 -5.96 7.50 27.24
C VAL A 22 -4.88 6.54 27.75
N ASP A 43 0.63 -16.65 18.77
CA ASP A 43 1.76 -15.84 18.37
C ASP A 43 1.92 -14.64 19.29
N PRO A 44 3.18 -14.23 19.55
CA PRO A 44 3.41 -12.95 20.20
C PRO A 44 2.95 -11.83 19.28
N VAL A 45 3.08 -12.05 17.97
CA VAL A 45 2.59 -11.11 16.98
C VAL A 45 1.07 -10.95 17.10
N THR A 46 0.38 -12.06 17.34
CA THR A 46 -1.06 -12.00 17.54
C THR A 46 -1.39 -11.15 18.77
N ASN A 47 -0.64 -11.35 19.84
CA ASN A 47 -0.81 -10.54 21.03
C ASN A 47 -0.73 -9.07 20.68
N ILE A 48 0.34 -8.69 19.98
CA ILE A 48 0.59 -7.31 19.63
C ILE A 48 -0.56 -6.72 18.81
N CYS A 49 -1.00 -7.45 17.80
CA CYS A 49 -2.07 -6.97 16.96
C CYS A 49 -3.35 -6.77 17.76
N GLN A 50 -3.60 -7.64 18.73
CA GLN A 50 -4.77 -7.48 19.57
C GLN A 50 -4.63 -6.24 20.46
N ALA A 51 -3.39 -5.98 20.88
CA ALA A 51 -3.13 -4.78 21.67
C ALA A 51 -3.40 -3.50 20.88
N ALA A 52 -2.90 -3.45 19.65
CA ALA A 52 -3.13 -2.31 18.76
C ALA A 52 -4.62 -2.11 18.53
N ASP A 53 -5.29 -3.19 18.17
CA ASP A 53 -6.74 -3.23 18.03
C ASP A 53 -7.42 -2.52 19.20
N LYS A 54 -7.00 -2.86 20.41
CA LYS A 54 -7.55 -2.27 21.62
C LYS A 54 -7.39 -0.75 21.68
N GLN A 55 -6.19 -0.27 21.36
CA GLN A 55 -5.88 1.15 21.52
C GLN A 55 -6.38 2.04 20.38
N LEU A 56 -6.80 1.44 19.26
CA LEU A 56 -7.23 2.21 18.11
C LEU A 56 -8.32 3.19 18.49
N PHE A 57 -9.17 2.76 19.42
CA PHE A 57 -10.29 3.54 19.89
C PHE A 57 -9.83 4.79 20.61
N THR A 58 -8.69 4.70 21.28
CA THR A 58 -8.18 5.82 22.07
C THR A 58 -7.73 6.99 21.19
N LEU A 59 -7.38 6.70 19.94
CA LEU A 59 -6.73 7.71 19.10
C LEU A 59 -7.54 8.99 18.94
N VAL A 60 -8.83 8.87 18.69
CA VAL A 60 -9.65 10.07 18.54
C VAL A 60 -9.88 10.75 19.91
N GLU A 61 -9.93 9.95 20.97
CA GLU A 61 -10.04 10.50 22.33
C GLU A 61 -8.84 11.38 22.65
N TRP A 62 -7.64 10.85 22.40
CA TRP A 62 -6.41 11.59 22.61
C TRP A 62 -6.36 12.81 21.70
N ALA A 63 -6.53 12.61 20.40
CA ALA A 63 -6.37 13.72 19.47
C ALA A 63 -7.28 14.92 19.78
N LYS A 64 -8.53 14.67 20.11
CA LYS A 64 -9.46 15.76 20.38
C LYS A 64 -8.97 16.64 21.54
N ARG A 65 -8.18 16.05 22.43
CA ARG A 65 -7.61 16.77 23.57
C ARG A 65 -6.29 17.47 23.26
N ILE A 66 -5.83 17.37 22.03
CA ILE A 66 -4.65 18.12 21.61
C ILE A 66 -5.11 19.47 21.10
N PRO A 67 -4.66 20.55 21.75
CA PRO A 67 -5.08 21.93 21.43
C PRO A 67 -5.20 22.18 19.94
N HIS A 68 -6.39 22.60 19.53
CA HIS A 68 -6.62 23.07 18.17
C HIS A 68 -6.83 21.95 17.13
N PHE A 69 -6.56 20.71 17.49
CA PHE A 69 -6.85 19.60 16.59
C PHE A 69 -8.33 19.61 16.18
N SER A 70 -9.22 19.85 17.14
CA SER A 70 -10.67 19.80 16.88
C SER A 70 -11.14 20.97 16.04
N GLU A 71 -10.26 21.93 15.78
CA GLU A 71 -10.62 23.09 14.98
C GLU A 71 -10.30 22.89 13.50
N LEU A 72 -9.58 21.82 13.18
CA LEU A 72 -9.26 21.49 11.79
C LEU A 72 -10.50 20.91 11.13
N PRO A 73 -10.61 21.06 9.81
CA PRO A 73 -11.75 20.41 9.14
C PRO A 73 -11.82 18.92 9.46
N LEU A 74 -13.03 18.40 9.58
CA LEU A 74 -13.24 17.01 9.96
C LEU A 74 -12.49 16.06 9.03
N ASP A 75 -12.44 16.39 7.74
CA ASP A 75 -11.73 15.57 6.77
C ASP A 75 -10.24 15.56 7.05
N ASP A 76 -9.73 16.70 7.49
CA ASP A 76 -8.31 16.80 7.80
C ASP A 76 -7.98 15.99 9.04
N GLN A 77 -8.86 16.08 10.05
CA GLN A 77 -8.65 15.30 11.26
C GLN A 77 -8.53 13.80 10.94
N VAL A 78 -9.45 13.29 10.12
CA VAL A 78 -9.40 11.88 9.71
C VAL A 78 -8.08 11.53 9.02
N ILE A 79 -7.63 12.42 8.14
CA ILE A 79 -6.39 12.20 7.39
C ILE A 79 -5.15 12.12 8.30
N LEU A 80 -5.05 13.03 9.26
CA LEU A 80 -3.92 13.02 10.18
C LEU A 80 -3.88 11.75 11.03
N LEU A 81 -5.04 11.34 11.52
CA LEU A 81 -5.11 10.12 12.31
C LEU A 81 -4.80 8.89 11.47
N ARG A 82 -5.28 8.88 10.23
CA ARG A 82 -5.07 7.73 9.35
C ARG A 82 -3.59 7.62 9.02
N ALA A 83 -2.92 8.78 8.93
CA ALA A 83 -1.52 8.80 8.55
C ALA A 83 -0.60 8.48 9.73
N GLY A 84 -1.00 8.86 10.94
CA GLY A 84 -0.09 8.75 12.07
C GLY A 84 -0.36 7.61 13.05
N TRP A 85 -1.40 6.82 12.82
CA TRP A 85 -1.86 5.87 13.84
C TRP A 85 -0.76 4.92 14.32
N ASN A 86 0.00 4.35 13.40
CA ASN A 86 1.01 3.38 13.81
C ASN A 86 2.16 4.00 14.61
N GLU A 87 2.73 5.10 14.12
CA GLU A 87 3.78 5.79 14.88
C GLU A 87 3.25 6.28 16.22
N LEU A 88 1.97 6.63 16.26
CA LEU A 88 1.35 7.13 17.48
C LEU A 88 1.25 6.04 18.52
N LEU A 89 0.88 4.83 18.10
CA LEU A 89 0.73 3.70 19.03
C LEU A 89 2.10 3.15 19.43
N ILE A 90 3.00 3.08 18.46
CA ILE A 90 4.34 2.61 18.70
C ILE A 90 5.02 3.49 19.75
N ALA A 91 4.94 4.80 19.58
CA ALA A 91 5.53 5.72 20.54
C ALA A 91 4.95 5.45 21.92
N SER A 92 3.62 5.29 21.98
CA SER A 92 2.93 5.07 23.25
C SER A 92 3.43 3.84 23.99
N PHE A 93 3.44 2.69 23.33
CA PHE A 93 3.81 1.47 24.04
C PHE A 93 5.31 1.38 24.32
N SER A 94 6.11 2.11 23.54
CA SER A 94 7.54 2.19 23.80
C SER A 94 7.79 2.88 25.14
N HIS A 95 7.19 4.05 25.32
CA HIS A 95 7.38 4.78 26.56
C HIS A 95 6.81 4.03 27.76
N ARG A 96 5.76 3.26 27.52
CA ARG A 96 5.17 2.43 28.57
C ARG A 96 6.09 1.30 29.01
N SER A 97 6.98 0.87 28.11
CA SER A 97 7.81 -0.31 28.34
C SER A 97 9.17 0.02 28.96
N ILE A 98 9.37 1.28 29.32
CA ILE A 98 10.62 1.71 29.91
C ILE A 98 11.01 0.87 31.14
N ALA A 99 10.02 0.28 31.79
CA ALA A 99 10.27 -0.49 32.99
C ALA A 99 10.60 -1.96 32.68
N VAL A 100 10.17 -2.44 31.53
CA VAL A 100 10.38 -3.85 31.16
C VAL A 100 11.83 -4.17 30.79
N LYS A 101 12.24 -5.40 31.06
CA LYS A 101 13.62 -5.82 30.81
C LYS A 101 13.96 -5.91 29.32
N ASP A 102 13.51 -6.99 28.69
CA ASP A 102 13.86 -7.26 27.29
C ASP A 102 12.62 -7.45 26.44
N GLY A 103 11.68 -6.52 26.55
CA GLY A 103 10.44 -6.63 25.82
C GLY A 103 9.52 -5.45 26.02
N ILE A 104 8.24 -5.65 25.73
CA ILE A 104 7.28 -4.57 25.83
C ILE A 104 6.06 -4.96 26.65
N LEU A 105 5.36 -3.94 27.15
CA LEU A 105 4.13 -4.13 27.90
C LEU A 105 2.94 -3.59 27.10
N LEU A 106 2.13 -4.51 26.59
CA LEU A 106 1.01 -4.18 25.72
C LEU A 106 -0.10 -3.49 26.51
N ALA A 107 -1.03 -2.87 25.79
CA ALA A 107 -2.15 -2.18 26.42
C ALA A 107 -3.06 -3.15 27.15
N THR A 108 -2.80 -4.44 26.98
CA THR A 108 -3.61 -5.49 27.57
C THR A 108 -2.91 -6.17 28.73
N GLY A 109 -1.87 -5.52 29.25
CA GLY A 109 -1.15 -6.04 30.40
C GLY A 109 -0.21 -7.20 30.11
N LEU A 110 -0.28 -7.74 28.89
CA LEU A 110 0.61 -8.84 28.51
C LEU A 110 2.02 -8.33 28.19
N HIS A 111 3.00 -9.21 28.32
CA HIS A 111 4.39 -8.90 27.99
C HIS A 111 4.85 -9.68 26.76
N VAL A 112 5.64 -9.02 25.92
CA VAL A 112 6.29 -9.71 24.82
C VAL A 112 7.78 -9.55 24.99
N HIS A 113 8.48 -10.69 25.05
CA HIS A 113 9.92 -10.69 25.27
C HIS A 113 10.68 -10.83 23.95
N ARG A 114 11.92 -10.35 23.91
CA ARG A 114 12.77 -10.47 22.75
C ARG A 114 12.69 -11.86 22.14
N ASN A 115 12.90 -12.87 22.97
CA ASN A 115 12.92 -14.26 22.51
C ASN A 115 11.69 -14.62 21.70
N SER A 116 10.53 -14.47 22.31
CA SER A 116 9.26 -14.71 21.66
C SER A 116 9.23 -14.01 20.30
N ALA A 117 9.76 -12.79 20.27
CA ALA A 117 9.77 -12.00 19.04
C ALA A 117 10.61 -12.68 17.98
N HIS A 118 11.84 -13.03 18.32
CA HIS A 118 12.76 -13.61 17.34
C HIS A 118 12.24 -14.94 16.81
N SER A 119 11.60 -15.71 17.70
CA SER A 119 11.08 -17.02 17.34
C SER A 119 9.88 -16.92 16.41
N ALA A 120 9.29 -15.73 16.32
CA ALA A 120 8.13 -15.52 15.47
C ALA A 120 8.50 -14.85 14.14
N GLY A 121 9.77 -14.50 13.98
CA GLY A 121 10.25 -13.95 12.72
C GLY A 121 10.43 -12.44 12.70
N VAL A 122 10.06 -11.78 13.79
CA VAL A 122 10.10 -10.32 13.82
C VAL A 122 11.16 -9.80 14.78
N GLY A 123 12.31 -10.45 14.79
CA GLY A 123 13.37 -10.12 15.72
C GLY A 123 14.02 -8.77 15.45
N ALA A 124 14.37 -8.55 14.19
CA ALA A 124 15.09 -7.34 13.81
C ALA A 124 14.34 -6.09 14.23
N ILE A 125 13.10 -5.99 13.78
CA ILE A 125 12.28 -4.81 14.05
C ILE A 125 11.94 -4.67 15.53
N PHE A 126 11.74 -5.80 16.20
CA PHE A 126 11.48 -5.76 17.63
C PHE A 126 12.68 -5.18 18.34
N ASP A 127 13.85 -5.66 17.96
CA ASP A 127 15.10 -5.20 18.55
C ASP A 127 15.28 -3.70 18.32
N ARG A 128 14.89 -3.24 17.14
CA ARG A 128 15.02 -1.83 16.77
C ARG A 128 14.14 -0.95 17.67
N VAL A 129 12.92 -1.39 17.95
CA VAL A 129 12.07 -0.64 18.85
C VAL A 129 12.71 -0.54 20.23
N LEU A 130 13.27 -1.64 20.69
CA LEU A 130 13.91 -1.70 22.00
C LEU A 130 15.09 -0.73 22.11
N THR A 131 15.97 -0.73 21.13
CA THR A 131 17.17 0.10 21.22
C THR A 131 16.88 1.57 20.91
N GLU A 132 16.16 1.83 19.82
CA GLU A 132 15.97 3.19 19.34
C GLU A 132 14.87 3.94 20.10
N LEU A 133 13.87 3.20 20.54
CA LEU A 133 12.77 3.83 21.26
C LEU A 133 12.84 3.58 22.75
N VAL A 134 12.61 2.34 23.17
CA VAL A 134 12.45 2.05 24.58
C VAL A 134 13.64 2.51 25.41
N SER A 135 14.82 1.98 25.12
CA SER A 135 15.99 2.27 25.95
C SER A 135 16.37 3.75 25.92
N LYS A 136 16.25 4.38 24.76
CA LYS A 136 16.55 5.81 24.64
C LYS A 136 15.60 6.63 25.50
N MET A 137 14.35 6.19 25.58
CA MET A 137 13.37 6.85 26.42
C MET A 137 13.71 6.67 27.89
N ARG A 138 14.09 5.44 28.24
CA ARG A 138 14.56 5.14 29.59
C ARG A 138 15.79 5.98 29.95
N ASP A 139 16.84 5.85 29.14
CA ASP A 139 18.11 6.52 29.40
C ASP A 139 17.95 8.02 29.64
N MET A 140 17.17 8.69 28.80
CA MET A 140 17.04 10.14 28.94
C MET A 140 15.92 10.52 29.89
N GLN A 141 15.23 9.52 30.42
CA GLN A 141 14.05 9.75 31.24
C GLN A 141 13.09 10.72 30.55
N MET A 142 12.67 10.36 29.35
CA MET A 142 11.67 11.14 28.65
C MET A 142 10.42 11.16 29.51
N ASP A 143 9.87 12.34 29.75
CA ASP A 143 8.68 12.40 30.60
C ASP A 143 7.40 12.35 29.77
N LYS A 144 6.29 12.05 30.43
CA LYS A 144 5.00 11.89 29.78
C LYS A 144 4.64 13.11 28.96
N THR A 145 5.03 14.28 29.46
CA THR A 145 4.79 15.52 28.74
C THR A 145 5.59 15.55 27.45
N GLU A 146 6.84 15.09 27.52
CA GLU A 146 7.71 15.06 26.35
C GLU A 146 7.17 14.07 25.33
N LEU A 147 6.78 12.90 25.81
CA LEU A 147 6.15 11.92 24.94
C LEU A 147 4.95 12.56 24.24
N GLY A 148 4.08 13.19 25.03
CA GLY A 148 2.88 13.78 24.48
C GLY A 148 3.16 14.76 23.35
N CYS A 149 4.19 15.57 23.53
CA CYS A 149 4.53 16.57 22.54
C CYS A 149 5.05 15.94 21.24
N LEU A 150 5.85 14.89 21.39
CA LEU A 150 6.39 14.19 20.23
C LEU A 150 5.23 13.59 19.43
N ARG A 151 4.27 13.01 20.15
CA ARG A 151 3.08 12.45 19.51
C ARG A 151 2.28 13.54 18.80
N ALA A 152 2.17 14.71 19.40
CA ALA A 152 1.50 15.82 18.73
C ALA A 152 2.25 16.22 17.46
N ILE A 153 3.58 16.17 17.51
CA ILE A 153 4.38 16.39 16.31
C ILE A 153 4.07 15.35 15.23
N VAL A 154 4.06 14.07 15.60
CA VAL A 154 3.69 13.00 14.69
C VAL A 154 2.30 13.25 14.12
N LEU A 155 1.35 13.58 15.01
CA LEU A 155 -0.04 13.83 14.63
C LEU A 155 -0.14 14.93 13.59
N PHE A 156 0.42 16.10 13.90
CA PHE A 156 0.32 17.26 13.01
C PHE A 156 1.30 17.16 11.82
N ASN A 157 1.24 16.08 11.06
CA ASN A 157 2.11 15.97 9.90
C ASN A 157 1.45 16.55 8.64
N PRO A 158 1.99 17.67 8.12
CA PRO A 158 1.39 18.41 7.00
C PRO A 158 1.54 17.70 5.66
N ASP A 159 2.40 16.70 5.57
CA ASP A 159 2.74 16.12 4.26
C ASP A 159 1.78 15.06 3.72
N SER A 160 0.82 14.63 4.55
CA SER A 160 -0.10 13.59 4.11
C SER A 160 -1.01 14.11 3.02
N LYS A 161 -1.36 13.22 2.09
CA LYS A 161 -2.16 13.60 0.93
C LYS A 161 -3.62 13.86 1.27
N GLY A 162 -4.21 14.82 0.56
CA GLY A 162 -5.64 15.07 0.68
C GLY A 162 -5.97 16.11 1.72
N LEU A 163 -4.96 16.61 2.43
CA LEU A 163 -5.18 17.65 3.43
C LEU A 163 -5.82 18.90 2.82
N SER A 164 -6.89 19.37 3.46
CA SER A 164 -7.62 20.54 2.99
C SER A 164 -6.74 21.78 3.04
N ASN A 165 -6.13 22.01 4.19
CA ASN A 165 -5.15 23.09 4.33
C ASN A 165 -3.92 22.66 5.12
N PRO A 166 -2.85 22.32 4.39
CA PRO A 166 -1.58 21.87 4.97
C PRO A 166 -0.88 22.95 5.80
N ALA A 167 -0.97 24.20 5.36
CA ALA A 167 -0.30 25.30 6.06
C ALA A 167 -0.75 25.35 7.50
N GLU A 168 -2.04 25.07 7.70
CA GLU A 168 -2.66 25.16 9.00
C GLU A 168 -2.09 24.08 9.93
N VAL A 169 -1.93 22.88 9.39
CA VAL A 169 -1.38 21.76 10.14
C VAL A 169 0.10 22.01 10.42
N GLU A 170 0.79 22.58 9.42
CA GLU A 170 2.19 22.90 9.58
C GLU A 170 2.34 23.93 10.70
N ALA A 171 1.44 24.92 10.70
CA ALA A 171 1.45 25.96 11.72
C ALA A 171 1.32 25.38 13.13
N LEU A 172 0.43 24.41 13.30
CA LEU A 172 0.20 23.81 14.60
C LEU A 172 1.40 22.96 15.05
N ARG A 173 2.02 22.28 14.08
CA ARG A 173 3.19 21.47 14.35
C ARG A 173 4.28 22.36 14.95
N GLU A 174 4.45 23.54 14.35
CA GLU A 174 5.49 24.47 14.75
C GLU A 174 5.17 25.08 16.12
N LYS A 175 3.89 25.23 16.42
CA LYS A 175 3.50 25.61 17.76
C LYS A 175 3.94 24.57 18.76
N VAL A 176 3.94 23.31 18.36
CA VAL A 176 4.44 22.27 19.25
C VAL A 176 5.95 22.36 19.41
N TYR A 177 6.67 22.67 18.32
CA TYR A 177 8.13 22.82 18.43
C TYR A 177 8.44 23.92 19.45
N ALA A 178 7.84 25.09 19.25
CA ALA A 178 8.03 26.21 20.16
C ALA A 178 7.67 25.83 21.58
N SER A 179 6.46 25.30 21.76
CA SER A 179 6.01 24.93 23.11
C SER A 179 6.90 23.89 23.78
N LEU A 180 7.31 22.86 23.03
CA LEU A 180 8.20 21.85 23.60
C LEU A 180 9.58 22.42 23.96
N GLU A 181 10.16 23.24 23.09
CA GLU A 181 11.48 23.76 23.41
C GLU A 181 11.40 24.56 24.70
N ALA A 182 10.44 25.48 24.77
CA ALA A 182 10.18 26.25 25.97
C ALA A 182 10.07 25.32 27.18
N TYR A 183 9.23 24.30 27.07
CA TYR A 183 9.09 23.34 28.17
C TYR A 183 10.41 22.75 28.60
N CYS A 184 11.25 22.36 27.64
CA CYS A 184 12.55 21.75 27.94
C CYS A 184 13.55 22.73 28.56
N LYS A 185 13.50 24.00 28.17
CA LYS A 185 14.42 24.98 28.73
C LYS A 185 14.09 25.24 30.19
N HIS A 186 12.79 25.27 30.50
CA HIS A 186 12.33 25.57 31.84
C HIS A 186 12.38 24.36 32.78
N LYS A 187 12.05 23.19 32.26
CA LYS A 187 12.02 21.99 33.10
C LYS A 187 13.40 21.35 33.22
N TYR A 188 14.20 21.45 32.18
CA TYR A 188 15.54 20.86 32.17
C TYR A 188 16.59 21.89 31.75
N PRO A 189 16.68 23.00 32.51
CA PRO A 189 17.48 24.19 32.18
C PRO A 189 18.94 23.88 31.91
N GLU A 190 19.48 22.86 32.58
CA GLU A 190 20.88 22.50 32.36
C GLU A 190 21.04 21.26 31.48
N GLN A 191 20.08 21.07 30.57
CA GLN A 191 20.26 20.22 29.39
C GLN A 191 19.85 21.06 28.18
N PRO A 192 20.82 21.76 27.59
CA PRO A 192 20.52 22.67 26.48
C PRO A 192 20.22 21.94 25.17
N GLY A 193 20.59 20.67 25.07
CA GLY A 193 20.33 19.90 23.86
C GLY A 193 19.25 18.85 24.00
N ARG A 194 18.46 18.90 25.08
CA ARG A 194 17.42 17.90 25.30
C ARG A 194 16.34 17.97 24.23
N PHE A 195 15.93 19.19 23.90
CA PHE A 195 14.95 19.42 22.85
C PHE A 195 15.41 18.71 21.58
N ALA A 196 16.63 19.01 21.13
CA ALA A 196 17.17 18.39 19.92
C ALA A 196 17.19 16.87 20.07
N LYS A 197 17.48 16.42 21.28
CA LYS A 197 17.52 14.99 21.56
C LYS A 197 16.14 14.35 21.40
N LEU A 198 15.10 15.07 21.79
CA LEU A 198 13.74 14.57 21.63
C LEU A 198 13.36 14.45 20.15
N LEU A 199 13.59 15.52 19.38
CA LEU A 199 13.27 15.51 17.96
C LEU A 199 14.01 14.41 17.21
N LEU A 200 15.23 14.11 17.67
CA LEU A 200 16.09 13.14 17.02
C LEU A 200 15.65 11.71 17.28
N ARG A 201 14.63 11.53 18.11
CA ARG A 201 13.99 10.23 18.20
C ARG A 201 13.00 10.02 17.05
N LEU A 202 12.55 11.11 16.44
CA LEU A 202 11.51 11.01 15.40
C LEU A 202 11.97 10.32 14.09
N PRO A 203 13.20 10.59 13.62
CA PRO A 203 13.58 9.88 12.40
C PRO A 203 13.50 8.37 12.57
N ALA A 204 14.01 7.88 13.70
CA ALA A 204 13.97 6.46 14.01
C ALA A 204 12.54 5.92 14.13
N LEU A 205 11.66 6.71 14.73
CA LEU A 205 10.26 6.31 14.89
C LEU A 205 9.58 6.20 13.52
N ARG A 206 9.95 7.10 12.61
CA ARG A 206 9.38 7.06 11.26
C ARG A 206 9.84 5.81 10.52
N SER A 207 11.14 5.54 10.54
CA SER A 207 11.66 4.34 9.88
C SER A 207 11.01 3.08 10.48
N ILE A 208 10.85 3.04 11.79
CA ILE A 208 10.24 1.87 12.42
C ILE A 208 8.79 1.73 11.99
N GLY A 209 8.05 2.84 12.01
CA GLY A 209 6.67 2.83 11.59
C GLY A 209 6.48 2.29 10.19
N LEU A 210 7.33 2.73 9.27
CA LEU A 210 7.28 2.25 7.89
C LEU A 210 7.54 0.76 7.81
N LYS A 211 8.52 0.27 8.58
CA LYS A 211 8.83 -1.16 8.58
C LYS A 211 7.61 -1.94 9.04
N CYS A 212 6.97 -1.46 10.11
CA CYS A 212 5.82 -2.17 10.67
C CYS A 212 4.61 -2.16 9.75
N LEU A 213 4.62 -1.29 8.75
CA LEU A 213 3.51 -1.19 7.82
C LEU A 213 3.73 -2.01 6.57
N GLU A 214 5.00 -2.26 6.25
CA GLU A 214 5.30 -2.91 4.97
C GLU A 214 4.74 -4.31 4.99
N HIS A 215 4.14 -4.69 3.87
CA HIS A 215 3.42 -5.95 3.77
C HIS A 215 4.31 -7.17 3.60
N LEU A 216 3.79 -8.30 4.06
CA LEU A 216 4.43 -9.62 3.98
C LEU A 216 5.54 -9.72 2.96
N PHE A 217 5.16 -9.70 1.68
CA PHE A 217 6.09 -10.01 0.61
C PHE A 217 7.36 -9.17 0.68
N PHE A 218 7.21 -7.86 0.76
CA PHE A 218 8.35 -6.96 0.77
C PHE A 218 9.14 -7.08 2.07
N PHE A 219 8.43 -7.30 3.17
CA PHE A 219 9.04 -7.47 4.49
C PHE A 219 10.02 -8.64 4.52
N LYS A 220 9.70 -9.70 3.77
CA LYS A 220 10.43 -10.94 3.87
C LYS A 220 11.38 -11.15 2.69
N LEU A 221 11.41 -10.19 1.77
CA LEU A 221 12.29 -10.27 0.61
C LEU A 221 13.70 -9.78 0.95
N ASP A 228 29.33 -4.21 0.74
CA ASP A 228 30.08 -5.20 -0.01
C ASP A 228 31.19 -4.61 -0.90
N THR A 229 31.48 -5.29 -2.01
CA THR A 229 32.71 -5.06 -2.77
C THR A 229 32.96 -3.64 -3.32
N PHE A 230 32.01 -3.09 -4.06
CA PHE A 230 32.26 -1.81 -4.72
C PHE A 230 32.37 -0.61 -3.77
N LEU A 231 31.60 -0.63 -2.68
CA LEU A 231 31.69 0.42 -1.66
C LEU A 231 33.01 0.35 -0.93
N MET A 232 33.42 -0.87 -0.57
CA MET A 232 34.70 -1.07 0.08
C MET A 232 35.78 -0.54 -0.84
N GLU A 233 35.65 -0.82 -2.14
CA GLU A 233 36.62 -0.33 -3.11
C GLU A 233 36.80 1.16 -3.00
N MET A 234 35.68 1.88 -3.07
CA MET A 234 35.70 3.35 -3.07
C MET A 234 36.26 3.90 -1.78
N LEU A 235 35.89 3.30 -0.66
CA LEU A 235 36.39 3.72 0.63
C LEU A 235 37.90 3.55 0.72
N GLU A 236 38.41 2.50 0.07
CA GLU A 236 39.82 2.16 0.20
C GLU A 236 40.73 2.91 -0.77
N ALA A 237 40.17 3.34 -1.89
CA ALA A 237 40.91 4.10 -2.89
C ALA A 237 41.56 5.35 -2.28
N GLN B 24 27.12 30.49 21.45
CA GLN B 24 27.98 31.04 20.41
C GLN B 24 28.71 29.95 19.60
N LEU B 25 29.34 30.37 18.51
CA LEU B 25 30.21 29.49 17.75
C LEU B 25 31.67 29.79 18.04
N SER B 26 32.39 28.77 18.49
CA SER B 26 33.81 28.92 18.78
C SER B 26 34.58 28.98 17.47
N PRO B 27 35.80 29.50 17.52
CA PRO B 27 36.63 29.47 16.31
C PRO B 27 36.80 28.02 15.84
N GLU B 28 36.92 27.11 16.80
CA GLU B 28 37.03 25.69 16.49
C GLU B 28 35.85 25.24 15.62
N GLN B 29 34.65 25.66 16.01
CA GLN B 29 33.44 25.27 15.30
C GLN B 29 33.32 25.97 13.95
N LEU B 30 33.74 27.22 13.87
CA LEU B 30 33.72 27.93 12.61
C LEU B 30 34.69 27.29 11.62
N GLY B 31 35.80 26.78 12.15
CA GLY B 31 36.81 26.13 11.34
C GLY B 31 36.27 24.83 10.80
N MET B 32 35.63 24.05 11.67
CA MET B 32 35.05 22.78 11.30
C MET B 32 34.02 22.95 10.18
N ILE B 33 33.18 23.96 10.32
CA ILE B 33 32.17 24.25 9.32
C ILE B 33 32.80 24.59 7.97
N GLU B 34 33.83 25.42 8.02
CA GLU B 34 34.60 25.78 6.83
C GLU B 34 35.19 24.54 6.17
N LYS B 35 35.81 23.68 6.98
CA LYS B 35 36.36 22.44 6.45
C LYS B 35 35.29 21.64 5.70
N LEU B 36 34.13 21.43 6.33
CA LEU B 36 33.02 20.73 5.70
C LEU B 36 32.67 21.33 4.35
N VAL B 37 32.42 22.64 4.34
CA VAL B 37 31.99 23.31 3.12
C VAL B 37 33.06 23.26 2.03
N ALA B 38 34.32 23.39 2.43
CA ALA B 38 35.43 23.26 1.49
C ALA B 38 35.52 21.85 0.92
N ALA B 39 35.31 20.86 1.78
CA ALA B 39 35.28 19.48 1.32
C ALA B 39 34.20 19.26 0.26
N GLN B 40 33.00 19.80 0.49
CA GLN B 40 31.95 19.67 -0.51
C GLN B 40 32.37 20.31 -1.84
N GLN B 41 32.95 21.50 -1.75
CA GLN B 41 33.42 22.16 -2.97
C GLN B 41 34.48 21.33 -3.67
N GLN B 42 35.39 20.75 -2.90
CA GLN B 42 36.47 19.96 -3.48
C GLN B 42 35.88 18.73 -4.16
N CYS B 43 35.07 17.98 -3.42
CA CYS B 43 34.44 16.78 -3.94
C CYS B 43 33.69 17.10 -5.22
N ASN B 44 32.93 18.19 -5.20
CA ASN B 44 32.09 18.56 -6.32
C ASN B 44 32.87 19.01 -7.55
N ARG B 45 34.05 19.60 -7.34
CA ARG B 45 34.86 19.98 -8.49
C ARG B 45 35.44 18.72 -9.17
N ARG B 46 35.69 17.68 -8.38
CA ARG B 46 36.06 16.38 -8.91
C ARG B 46 34.92 15.76 -9.72
N SER B 47 33.67 15.97 -9.27
CA SER B 47 32.53 15.46 -10.02
C SER B 47 32.41 16.15 -11.37
N PHE B 48 32.57 17.47 -11.37
CA PHE B 48 32.38 18.29 -12.54
C PHE B 48 33.33 17.87 -13.65
N SER B 49 34.59 17.61 -13.31
CA SER B 49 35.54 17.19 -14.33
C SER B 49 35.46 15.69 -14.69
N ASP B 50 34.60 14.96 -13.99
CA ASP B 50 34.28 13.58 -14.34
C ASP B 50 33.07 13.53 -15.25
N ARG B 51 32.48 14.70 -15.48
CA ARG B 51 31.17 14.83 -16.11
C ARG B 51 31.02 14.19 -17.50
N LEU B 52 32.13 14.02 -18.21
CA LEU B 52 32.07 13.45 -19.54
C LEU B 52 31.99 11.91 -19.50
N ARG B 53 32.17 11.31 -18.33
CA ARG B 53 32.08 9.86 -18.20
C ARG B 53 30.63 9.41 -18.32
N VAL B 54 29.72 10.35 -18.11
CA VAL B 54 28.29 10.05 -18.10
C VAL B 54 27.74 9.87 -19.52
N THR B 55 27.10 8.73 -19.77
CA THR B 55 26.39 8.50 -21.02
C THR B 55 25.53 9.72 -21.33
N PRO B 56 25.70 10.29 -22.52
CA PRO B 56 24.98 11.51 -22.90
C PRO B 56 23.48 11.32 -22.94
N TRP B 57 22.75 12.42 -22.80
CA TRP B 57 21.30 12.44 -22.93
C TRP B 57 20.92 12.35 -24.40
N PRO B 58 20.04 11.40 -24.75
CA PRO B 58 19.69 11.21 -26.16
C PRO B 58 18.88 12.38 -26.70
N ILE B 59 19.08 12.69 -27.99
CA ILE B 59 18.34 13.76 -28.65
C ILE B 59 17.20 13.17 -29.48
N ALA B 60 16.99 11.86 -29.31
CA ALA B 60 16.03 11.10 -30.11
C ALA B 60 14.57 11.58 -30.01
N PRO B 61 13.97 11.90 -31.16
CA PRO B 61 12.58 12.36 -31.30
C PRO B 61 11.57 11.23 -31.51
N ASP B 62 11.21 10.54 -30.43
CA ASP B 62 10.12 9.56 -30.46
C ASP B 62 9.91 8.98 -29.07
N PRO B 63 8.80 9.35 -28.43
CA PRO B 63 8.50 9.03 -27.03
C PRO B 63 8.28 7.54 -26.80
N GLN B 64 8.13 6.77 -27.88
CA GLN B 64 7.88 5.34 -27.77
C GLN B 64 9.13 4.54 -28.10
N SER B 65 10.24 5.24 -28.31
CA SER B 65 11.52 4.58 -28.52
C SER B 65 12.00 3.98 -27.20
N ARG B 66 12.19 2.67 -27.20
CA ARG B 66 12.61 1.97 -25.99
C ARG B 66 14.12 2.15 -25.76
N GLU B 67 14.86 2.29 -26.84
CA GLU B 67 16.29 2.54 -26.81
C GLU B 67 16.60 3.93 -26.22
N ALA B 68 15.84 4.93 -26.66
CA ALA B 68 15.93 6.27 -26.09
C ALA B 68 15.66 6.22 -24.58
N ARG B 69 14.56 5.57 -24.17
CA ARG B 69 14.24 5.40 -22.76
C ARG B 69 15.41 4.82 -22.01
N GLN B 70 15.97 3.72 -22.53
CA GLN B 70 17.04 3.05 -21.82
C GLN B 70 18.22 3.99 -21.65
N GLN B 71 18.49 4.79 -22.68
CA GLN B 71 19.65 5.66 -22.63
C GLN B 71 19.46 6.80 -21.63
N ARG B 72 18.24 7.28 -21.49
CA ARG B 72 17.95 8.29 -20.46
C ARG B 72 18.18 7.68 -19.09
N PHE B 73 17.73 6.44 -18.91
CA PHE B 73 17.94 5.72 -17.65
C PHE B 73 19.43 5.50 -17.38
N ALA B 74 20.19 5.22 -18.44
CA ALA B 74 21.63 5.03 -18.32
C ALA B 74 22.27 6.33 -17.87
N HIS B 75 21.84 7.42 -18.50
CA HIS B 75 22.31 8.75 -18.15
C HIS B 75 22.01 9.05 -16.68
N PHE B 76 20.78 8.80 -16.24
CA PHE B 76 20.39 9.15 -14.87
C PHE B 76 21.10 8.29 -13.82
N THR B 77 21.15 6.99 -14.05
CA THR B 77 21.87 6.11 -13.13
C THR B 77 23.38 6.41 -13.11
N GLU B 78 23.92 6.90 -14.20
CA GLU B 78 25.33 7.24 -14.20
C GLU B 78 25.59 8.52 -13.44
N LEU B 79 24.69 9.50 -13.56
CA LEU B 79 24.75 10.69 -12.72
C LEU B 79 24.73 10.31 -11.25
N ALA B 80 23.82 9.41 -10.89
CA ALA B 80 23.71 8.91 -9.52
C ALA B 80 25.03 8.36 -9.00
N ILE B 81 25.74 7.63 -9.86
CA ILE B 81 27.02 7.03 -9.48
C ILE B 81 28.02 8.13 -9.12
N VAL B 82 27.99 9.21 -9.89
CA VAL B 82 28.85 10.35 -9.60
C VAL B 82 28.47 10.89 -8.23
N SER B 83 27.16 10.97 -7.96
CA SER B 83 26.70 11.45 -6.68
C SER B 83 27.24 10.59 -5.54
N VAL B 84 27.14 9.27 -5.68
CA VAL B 84 27.56 8.38 -4.59
C VAL B 84 29.07 8.55 -4.39
N GLN B 85 29.81 8.67 -5.48
CA GLN B 85 31.25 8.88 -5.43
C GLN B 85 31.56 10.16 -4.65
N GLU B 86 30.83 11.22 -4.93
CA GLU B 86 31.02 12.47 -4.21
C GLU B 86 30.68 12.31 -2.73
N ILE B 87 29.62 11.56 -2.44
CA ILE B 87 29.22 11.34 -1.06
C ILE B 87 30.26 10.55 -0.26
N VAL B 88 30.82 9.50 -0.87
CA VAL B 88 31.89 8.73 -0.24
C VAL B 88 33.10 9.63 0.05
N ASP B 89 33.53 10.38 -0.96
CA ASP B 89 34.66 11.29 -0.82
C ASP B 89 34.45 12.29 0.31
N PHE B 90 33.21 12.76 0.46
CA PHE B 90 32.86 13.69 1.52
C PHE B 90 32.94 13.02 2.90
N ALA B 91 32.32 11.86 3.03
CA ALA B 91 32.31 11.16 4.32
C ALA B 91 33.72 10.91 4.84
N LYS B 92 34.62 10.55 3.93
CA LYS B 92 36.00 10.24 4.28
C LYS B 92 36.68 11.43 4.93
N GLN B 93 36.18 12.63 4.64
CA GLN B 93 36.75 13.85 5.20
C GLN B 93 36.08 14.32 6.48
N LEU B 94 34.95 13.71 6.83
CA LEU B 94 34.32 14.01 8.12
C LEU B 94 35.18 13.55 9.29
N PRO B 95 35.45 14.45 10.26
CA PRO B 95 36.21 14.02 11.44
C PRO B 95 35.49 12.87 12.16
N GLY B 96 36.22 11.78 12.38
CA GLY B 96 35.67 10.65 13.10
C GLY B 96 35.20 9.52 12.21
N PHE B 97 34.92 9.81 10.94
CA PHE B 97 34.35 8.78 10.09
C PHE B 97 35.33 7.63 9.82
N LEU B 98 36.54 7.96 9.37
CA LEU B 98 37.53 6.92 9.05
C LEU B 98 38.02 6.18 10.29
N GLN B 99 37.71 6.72 11.47
CA GLN B 99 38.08 6.09 12.72
C GLN B 99 37.08 5.00 13.10
N LEU B 100 35.96 4.94 12.38
CA LEU B 100 34.99 3.85 12.55
C LEU B 100 35.51 2.59 11.87
N SER B 101 35.06 1.42 12.32
CA SER B 101 35.31 0.20 11.57
C SER B 101 34.78 0.38 10.16
N ARG B 102 35.38 -0.32 9.20
CA ARG B 102 34.94 -0.26 7.82
C ARG B 102 33.50 -0.73 7.72
N GLU B 103 33.14 -1.70 8.55
CA GLU B 103 31.77 -2.21 8.54
C GLU B 103 30.79 -1.08 8.85
N ASP B 104 31.14 -0.26 9.84
CA ASP B 104 30.30 0.86 10.23
C ASP B 104 30.31 1.96 9.16
N GLN B 105 31.45 2.19 8.53
CA GLN B 105 31.51 3.17 7.44
C GLN B 105 30.55 2.75 6.34
N ILE B 106 30.59 1.47 6.01
CA ILE B 106 29.72 0.90 4.99
C ILE B 106 28.25 0.91 5.42
N ALA B 107 27.97 0.64 6.70
CA ALA B 107 26.58 0.64 7.15
C ALA B 107 26.01 2.06 7.11
N LEU B 108 26.82 3.04 7.50
CA LEU B 108 26.43 4.44 7.41
C LEU B 108 26.20 4.93 5.97
N LEU B 109 27.16 4.70 5.08
CA LEU B 109 27.07 5.17 3.71
C LEU B 109 25.98 4.50 2.87
N LYS B 110 25.84 3.18 3.04
CA LYS B 110 24.84 2.43 2.29
C LYS B 110 23.43 3.00 2.43
N THR B 111 23.06 3.41 3.64
CA THR B 111 21.70 3.84 3.88
C THR B 111 21.53 5.36 3.81
N SER B 112 22.61 6.11 3.98
CA SER B 112 22.48 7.57 3.96
C SER B 112 22.66 8.15 2.56
N ALA B 113 23.26 7.37 1.66
CA ALA B 113 23.48 7.80 0.28
C ALA B 113 22.22 8.38 -0.33
N ILE B 114 21.12 7.63 -0.31
CA ILE B 114 19.92 8.15 -0.94
C ILE B 114 19.47 9.47 -0.29
N GLU B 115 19.66 9.60 1.01
CA GLU B 115 19.26 10.81 1.75
C GLU B 115 20.12 12.02 1.40
N VAL B 116 21.43 11.81 1.32
CA VAL B 116 22.32 12.90 0.94
C VAL B 116 22.08 13.27 -0.50
N MET B 117 21.85 12.27 -1.35
CA MET B 117 21.58 12.51 -2.75
C MET B 117 20.31 13.38 -2.87
N LEU B 118 19.35 13.16 -1.98
CA LEU B 118 18.10 13.93 -2.00
C LEU B 118 18.33 15.38 -1.57
N LEU B 119 19.12 15.56 -0.51
CA LEU B 119 19.50 16.89 -0.06
C LEU B 119 20.30 17.65 -1.14
N GLU B 120 21.27 16.99 -1.75
CA GLU B 120 22.03 17.62 -2.83
C GLU B 120 21.13 17.99 -4.01
N THR B 121 20.12 17.16 -4.24
CA THR B 121 19.18 17.39 -5.32
C THR B 121 18.31 18.63 -5.06
N SER B 122 17.86 18.78 -3.82
CA SER B 122 16.96 19.86 -3.48
C SER B 122 17.72 21.16 -3.62
N ARG B 123 19.02 21.06 -3.43
CA ARG B 123 19.95 22.16 -3.56
C ARG B 123 20.03 22.68 -5.00
N ARG B 124 19.62 21.85 -5.94
CA ARG B 124 19.78 22.17 -7.35
C ARG B 124 18.42 22.32 -8.05
N TYR B 125 17.39 22.56 -7.26
CA TYR B 125 16.05 22.74 -7.79
C TYR B 125 15.82 24.21 -8.15
N ASN B 126 15.35 24.45 -9.37
CA ASN B 126 14.99 25.79 -9.82
C ASN B 126 13.48 25.97 -9.73
N PRO B 127 13.00 26.84 -8.83
CA PRO B 127 11.56 27.05 -8.72
C PRO B 127 10.97 27.71 -9.98
N GLY B 128 11.76 28.53 -10.66
CA GLY B 128 11.29 29.23 -11.84
C GLY B 128 10.86 28.33 -13.00
N SER B 129 11.71 27.38 -13.36
CA SER B 129 11.37 26.46 -14.44
C SER B 129 10.89 25.12 -13.88
N GLU B 130 10.90 24.99 -12.56
CA GLU B 130 10.55 23.74 -11.92
C GLU B 130 11.39 22.60 -12.49
N SER B 131 12.70 22.82 -12.49
CA SER B 131 13.63 21.81 -12.99
C SER B 131 14.77 21.61 -12.02
N ILE B 132 15.53 20.54 -12.25
CA ILE B 132 16.69 20.23 -11.44
C ILE B 132 17.92 20.18 -12.35
N THR B 133 19.00 20.82 -11.92
CA THR B 133 20.18 20.89 -12.76
C THR B 133 21.34 20.19 -12.09
N PHE B 134 21.89 19.20 -12.78
CA PHE B 134 23.07 18.49 -12.29
C PHE B 134 24.28 18.88 -13.09
N LEU B 135 25.41 18.98 -12.40
CA LEU B 135 26.69 19.31 -13.03
C LEU B 135 26.60 20.47 -14.01
N LYS B 136 25.74 21.44 -13.72
CA LYS B 136 25.66 22.67 -14.49
C LYS B 136 24.95 22.55 -15.85
N ASP B 137 25.22 21.47 -16.57
CA ASP B 137 24.75 21.34 -17.95
C ASP B 137 23.53 20.45 -18.15
N PHE B 138 23.14 19.70 -17.12
CA PHE B 138 22.02 18.77 -17.30
C PHE B 138 20.77 19.17 -16.50
N SER B 139 19.84 19.89 -17.14
CA SER B 139 18.59 20.33 -16.50
C SER B 139 17.38 19.48 -16.90
N TYR B 140 16.57 19.10 -15.93
CA TYR B 140 15.44 18.20 -16.19
C TYR B 140 14.19 18.56 -15.40
N ASN B 141 13.03 18.48 -16.05
CA ASN B 141 11.76 18.67 -15.37
C ASN B 141 11.09 17.32 -15.13
N ARG B 142 9.94 17.33 -14.45
CA ARG B 142 9.24 16.08 -14.13
C ARG B 142 9.06 15.15 -15.33
N GLU B 143 8.66 15.72 -16.47
CA GLU B 143 8.45 14.89 -17.66
C GLU B 143 9.73 14.23 -18.18
N ASP B 144 10.86 14.92 -18.06
CA ASP B 144 12.15 14.31 -18.40
C ASP B 144 12.39 13.04 -17.57
N PHE B 145 12.18 13.14 -16.27
CA PHE B 145 12.41 11.99 -15.41
C PHE B 145 11.44 10.85 -15.76
N ALA B 146 10.21 11.18 -16.16
CA ALA B 146 9.24 10.15 -16.53
C ALA B 146 9.60 9.47 -17.86
N LYS B 147 10.23 10.23 -18.75
CA LYS B 147 10.66 9.70 -20.04
C LYS B 147 11.77 8.65 -19.90
N ALA B 148 12.30 8.48 -18.69
CA ALA B 148 13.32 7.48 -18.45
C ALA B 148 12.71 6.24 -17.82
N GLY B 149 11.40 6.29 -17.56
CA GLY B 149 10.69 5.18 -16.96
C GLY B 149 10.51 5.25 -15.44
N LEU B 150 10.80 6.41 -14.84
CA LEU B 150 10.58 6.58 -13.41
C LEU B 150 9.10 6.84 -13.16
N GLN B 151 8.57 6.29 -12.07
CA GLN B 151 7.14 6.39 -11.78
C GLN B 151 6.78 7.68 -11.05
N VAL B 152 5.54 8.14 -11.22
CA VAL B 152 5.15 9.42 -10.65
C VAL B 152 5.23 9.42 -9.14
N GLU B 153 4.93 8.30 -8.49
CA GLU B 153 5.01 8.27 -7.03
C GLU B 153 6.44 8.30 -6.48
N PHE B 154 7.42 8.29 -7.38
CA PHE B 154 8.82 8.54 -7.06
C PHE B 154 9.11 10.01 -7.41
N ILE B 155 8.74 10.40 -8.62
CA ILE B 155 9.00 11.75 -9.08
C ILE B 155 8.35 12.86 -8.23
N ASN B 156 7.04 12.77 -8.02
CA ASN B 156 6.33 13.87 -7.36
C ASN B 156 6.82 14.20 -5.94
N PRO B 157 6.93 13.18 -5.06
CA PRO B 157 7.43 13.42 -3.71
C PRO B 157 8.80 14.07 -3.74
N ILE B 158 9.66 13.69 -4.68
CA ILE B 158 10.98 14.29 -4.72
C ILE B 158 10.94 15.75 -5.17
N PHE B 159 10.06 16.06 -6.11
CA PHE B 159 9.88 17.45 -6.50
C PHE B 159 9.29 18.25 -5.35
N GLU B 160 8.37 17.64 -4.62
CA GLU B 160 7.76 18.31 -3.47
C GLU B 160 8.79 18.55 -2.38
N PHE B 161 9.63 17.55 -2.12
CA PHE B 161 10.71 17.72 -1.16
C PHE B 161 11.63 18.86 -1.60
N SER B 162 11.93 18.92 -2.89
CA SER B 162 12.88 19.91 -3.38
C SER B 162 12.33 21.32 -3.20
N ARG B 163 11.10 21.52 -3.65
CA ARG B 163 10.45 22.81 -3.47
C ARG B 163 10.50 23.20 -2.00
N ALA B 164 10.02 22.31 -1.13
CA ALA B 164 10.00 22.58 0.30
C ALA B 164 11.36 22.98 0.83
N MET B 165 12.39 22.20 0.50
CA MET B 165 13.76 22.55 0.91
C MET B 165 14.16 23.90 0.36
N ASN B 166 13.89 24.11 -0.92
CA ASN B 166 14.18 25.38 -1.57
C ASN B 166 13.59 26.55 -0.79
N GLU B 167 12.40 26.34 -0.22
CA GLU B 167 11.74 27.38 0.58
C GLU B 167 12.54 27.75 1.82
N LEU B 168 13.19 26.77 2.43
CA LEU B 168 13.98 27.00 3.63
C LEU B 168 15.06 28.05 3.42
N GLN B 169 15.54 28.18 2.19
CA GLN B 169 16.67 29.06 1.90
C GLN B 169 17.86 28.77 2.81
N LEU B 170 18.38 27.54 2.75
CA LEU B 170 19.57 27.17 3.51
C LEU B 170 20.80 27.59 2.73
N ASN B 171 21.87 27.94 3.44
CA ASN B 171 23.15 28.24 2.79
C ASN B 171 24.11 27.06 2.86
N ASP B 172 25.30 27.24 2.29
CA ASP B 172 26.29 26.16 2.16
C ASP B 172 26.63 25.54 3.51
N ALA B 173 26.78 26.37 4.53
CA ALA B 173 27.07 25.87 5.87
C ALA B 173 25.98 24.93 6.39
N GLU B 174 24.72 25.34 6.20
CA GLU B 174 23.60 24.61 6.79
C GLU B 174 23.32 23.30 6.06
N PHE B 175 23.50 23.27 4.75
CA PHE B 175 23.40 22.00 4.05
C PHE B 175 24.49 21.04 4.50
N ALA B 176 25.71 21.54 4.59
CA ALA B 176 26.84 20.70 4.95
C ALA B 176 26.64 20.06 6.32
N LEU B 177 26.14 20.83 7.28
CA LEU B 177 25.93 20.25 8.60
C LEU B 177 24.80 19.23 8.54
N LEU B 178 23.72 19.55 7.83
CA LEU B 178 22.58 18.66 7.80
C LEU B 178 22.97 17.36 7.11
N ILE B 179 23.82 17.46 6.11
CA ILE B 179 24.38 16.27 5.46
C ILE B 179 25.22 15.44 6.44
N ALA B 180 26.01 16.09 7.27
CA ALA B 180 26.83 15.38 8.25
C ALA B 180 25.94 14.71 9.29
N ILE B 181 24.90 15.41 9.74
CA ILE B 181 23.98 14.86 10.71
C ILE B 181 23.30 13.60 10.13
N SER B 182 22.88 13.68 8.87
CA SER B 182 22.27 12.54 8.22
C SER B 182 23.20 11.34 8.15
N ILE B 183 24.45 11.57 7.77
CA ILE B 183 25.44 10.49 7.67
C ILE B 183 25.68 9.78 9.01
N PHE B 184 25.83 10.55 10.07
CA PHE B 184 26.03 9.97 11.39
C PHE B 184 24.72 9.62 12.10
N SER B 185 23.90 8.80 11.45
CA SER B 185 22.67 8.28 12.06
C SER B 185 22.87 6.87 12.61
N ALA B 186 22.95 6.75 13.94
CA ALA B 186 23.23 5.47 14.60
C ALA B 186 22.16 4.38 14.36
N ASP B 187 20.93 4.78 14.06
CA ASP B 187 19.87 3.78 13.86
C ASP B 187 19.93 3.06 12.49
N ARG B 188 20.92 3.36 11.66
CA ARG B 188 21.02 2.63 10.41
C ARG B 188 21.20 1.16 10.71
N PRO B 189 20.66 0.30 9.84
CA PRO B 189 20.84 -1.14 10.02
C PRO B 189 22.32 -1.49 10.00
N ASN B 190 22.72 -2.40 10.90
CA ASN B 190 24.05 -2.98 10.89
C ASN B 190 25.16 -2.13 11.51
N VAL B 191 24.80 -0.99 12.09
CA VAL B 191 25.78 -0.16 12.80
C VAL B 191 26.19 -0.86 14.09
N GLN B 192 27.48 -1.08 14.27
CA GLN B 192 28.00 -1.73 15.48
C GLN B 192 28.19 -0.76 16.63
N ASP B 193 28.96 0.30 16.38
CA ASP B 193 29.30 1.27 17.42
C ASP B 193 28.33 2.46 17.41
N GLN B 194 27.11 2.22 17.86
CA GLN B 194 26.08 3.25 17.84
C GLN B 194 26.41 4.41 18.77
N LEU B 195 26.95 4.10 19.95
CA LEU B 195 27.38 5.14 20.88
C LEU B 195 28.28 6.17 20.22
N GLN B 196 29.28 5.69 19.50
CA GLN B 196 30.28 6.58 18.90
C GLN B 196 29.71 7.39 17.73
N VAL B 197 28.80 6.77 16.97
CA VAL B 197 28.15 7.45 15.85
C VAL B 197 27.25 8.58 16.36
N GLU B 198 26.53 8.34 17.44
CA GLU B 198 25.72 9.38 18.06
C GLU B 198 26.61 10.51 18.61
N ARG B 199 27.72 10.12 19.24
CA ARG B 199 28.64 11.13 19.77
C ARG B 199 29.15 12.03 18.65
N LEU B 200 29.51 11.43 17.52
CA LEU B 200 29.93 12.19 16.33
C LEU B 200 28.79 13.09 15.77
N GLN B 201 27.58 12.54 15.68
CA GLN B 201 26.45 13.31 15.16
C GLN B 201 26.17 14.50 16.06
N HIS B 202 26.25 14.27 17.36
CA HIS B 202 25.93 15.31 18.33
C HIS B 202 26.77 16.56 18.14
N THR B 203 27.98 16.41 17.62
CA THR B 203 28.86 17.56 17.40
C THR B 203 28.26 18.51 16.36
N TYR B 204 27.79 17.92 15.26
CA TYR B 204 27.18 18.68 14.17
C TYR B 204 25.82 19.25 14.55
N VAL B 205 25.06 18.49 15.33
CA VAL B 205 23.76 18.97 15.81
C VAL B 205 23.97 20.22 16.67
N GLU B 206 24.84 20.13 17.67
CA GLU B 206 25.13 21.28 18.52
C GLU B 206 25.63 22.46 17.68
N ALA B 207 26.55 22.19 16.76
CA ALA B 207 27.07 23.24 15.90
C ALA B 207 25.97 23.88 15.04
N LEU B 208 25.11 23.06 14.46
CA LEU B 208 24.06 23.62 13.62
C LEU B 208 23.15 24.50 14.47
N HIS B 209 22.89 24.06 15.69
CA HIS B 209 21.99 24.80 16.56
C HIS B 209 22.55 26.18 16.85
N ALA B 210 23.82 26.22 17.25
CA ALA B 210 24.47 27.49 17.50
C ALA B 210 24.49 28.31 16.21
N TYR B 211 24.73 27.63 15.09
CA TYR B 211 24.79 28.33 13.81
C TYR B 211 23.47 29.04 13.48
N VAL B 212 22.35 28.34 13.65
CA VAL B 212 21.09 28.93 13.24
C VAL B 212 20.59 29.97 14.22
N SER B 213 20.94 29.85 15.50
CA SER B 213 20.55 30.84 16.48
C SER B 213 21.31 32.14 16.23
N ILE B 214 22.54 32.00 15.73
CA ILE B 214 23.35 33.16 15.41
C ILE B 214 22.96 33.80 14.09
N ASN B 215 22.63 32.98 13.08
CA ASN B 215 22.38 33.50 11.74
C ASN B 215 20.91 33.67 11.35
N HIS B 216 20.01 33.13 12.16
CA HIS B 216 18.57 33.36 11.99
C HIS B 216 17.98 33.74 13.34
N PRO B 217 18.48 34.85 13.92
CA PRO B 217 18.17 35.23 15.31
C PRO B 217 16.68 35.47 15.54
N HIS B 218 15.94 35.76 14.48
CA HIS B 218 14.51 36.03 14.62
C HIS B 218 13.66 34.84 14.17
N ASP B 219 14.32 33.73 13.87
CA ASP B 219 13.58 32.52 13.51
C ASP B 219 14.16 31.30 14.19
N PRO B 220 13.85 31.12 15.48
CA PRO B 220 14.39 30.01 16.27
C PRO B 220 13.81 28.68 15.81
N LEU B 221 12.71 28.74 15.07
CA LEU B 221 12.06 27.54 14.54
C LEU B 221 12.83 26.92 13.38
N MET B 222 13.79 27.66 12.83
CA MET B 222 14.59 27.15 11.73
C MET B 222 15.27 25.85 12.16
N PHE B 223 15.75 25.80 13.40
CA PHE B 223 16.47 24.62 13.87
C PHE B 223 15.59 23.37 13.81
N PRO B 224 14.42 23.41 14.49
CA PRO B 224 13.52 22.25 14.44
C PRO B 224 13.07 21.93 13.01
N ARG B 225 12.75 22.95 12.21
CA ARG B 225 12.37 22.71 10.82
C ARG B 225 13.39 21.81 10.14
N MET B 226 14.67 22.13 10.33
CA MET B 226 15.73 21.38 9.68
C MET B 226 15.81 19.93 10.17
N LEU B 227 15.84 19.73 11.48
CA LEU B 227 15.96 18.37 12.00
C LEU B 227 14.81 17.49 11.55
N MET B 228 13.64 18.10 11.35
CA MET B 228 12.47 17.36 10.90
C MET B 228 12.62 16.94 9.45
N LYS B 229 13.52 17.59 8.71
CA LYS B 229 13.80 17.11 7.37
C LYS B 229 14.40 15.70 7.40
N LEU B 230 15.06 15.36 8.50
CA LEU B 230 15.65 14.03 8.62
C LEU B 230 14.52 13.01 8.68
N VAL B 231 13.39 13.43 9.23
CA VAL B 231 12.25 12.53 9.31
C VAL B 231 11.70 12.30 7.90
N SER B 232 11.56 13.38 7.13
CA SER B 232 11.06 13.29 5.74
C SER B 232 11.93 12.39 4.87
N LEU B 233 13.23 12.48 5.07
CA LEU B 233 14.18 11.69 4.32
C LEU B 233 13.95 10.20 4.52
N ARG B 234 13.45 9.83 5.69
CA ARG B 234 13.12 8.44 5.94
C ARG B 234 11.99 7.99 5.02
N THR B 235 10.93 8.80 4.91
CA THR B 235 9.82 8.47 4.02
C THR B 235 10.28 8.38 2.57
N LEU B 236 11.10 9.35 2.18
CA LEU B 236 11.61 9.41 0.82
C LEU B 236 12.51 8.21 0.50
N SER B 237 13.21 7.71 1.51
CA SER B 237 14.04 6.52 1.35
C SER B 237 13.17 5.30 1.09
N SER B 238 12.02 5.24 1.74
CA SER B 238 11.10 4.15 1.52
C SER B 238 10.44 4.26 0.12
N VAL B 239 10.12 5.49 -0.28
CA VAL B 239 9.59 5.73 -1.63
C VAL B 239 10.59 5.26 -2.69
N HIS B 240 11.85 5.60 -2.47
CA HIS B 240 12.93 5.20 -3.34
C HIS B 240 13.00 3.68 -3.45
N SER B 241 12.88 2.99 -2.31
CA SER B 241 13.01 1.54 -2.35
C SER B 241 11.86 0.95 -3.17
N GLU B 242 10.71 1.63 -3.15
CA GLU B 242 9.56 1.17 -3.93
C GLU B 242 9.78 1.39 -5.42
N GLN B 243 10.54 2.43 -5.75
CA GLN B 243 10.90 2.70 -7.13
C GLN B 243 11.94 1.68 -7.59
N VAL B 244 12.87 1.33 -6.71
CA VAL B 244 13.85 0.31 -7.05
C VAL B 244 13.13 -0.97 -7.49
N PHE B 245 12.24 -1.48 -6.63
CA PHE B 245 11.44 -2.64 -6.97
C PHE B 245 10.68 -2.48 -8.29
N ALA B 246 9.95 -1.38 -8.45
CA ALA B 246 9.27 -1.08 -9.69
C ALA B 246 10.17 -1.23 -10.92
N LEU B 247 11.43 -0.78 -10.81
CA LEU B 247 12.41 -0.96 -11.88
C LEU B 247 12.67 -2.43 -12.24
N ARG B 248 12.73 -3.29 -11.23
CA ARG B 248 12.90 -4.72 -11.47
C ARG B 248 11.79 -5.24 -12.38
N LEU B 249 10.58 -4.74 -12.17
CA LEU B 249 9.42 -5.19 -12.92
C LEU B 249 9.57 -4.87 -14.40
N GLN B 250 10.32 -3.81 -14.71
CA GLN B 250 10.55 -3.41 -16.10
C GLN B 250 11.86 -4.03 -16.58
N ASP B 251 12.46 -4.84 -15.72
CA ASP B 251 13.79 -5.37 -15.98
C ASP B 251 14.81 -4.27 -16.34
N LYS B 252 14.74 -3.13 -15.66
CA LYS B 252 15.69 -2.05 -15.91
C LYS B 252 16.77 -2.10 -14.86
N LYS B 253 17.89 -2.72 -15.22
CA LYS B 253 18.87 -3.12 -14.22
C LYS B 253 19.73 -1.94 -13.76
N LEU B 254 20.00 -1.91 -12.46
CA LEU B 254 20.85 -0.89 -11.88
C LEU B 254 22.32 -1.25 -12.09
N PRO B 255 23.16 -0.25 -12.30
CA PRO B 255 24.61 -0.42 -12.33
C PRO B 255 25.09 -1.11 -11.06
N PRO B 256 26.20 -1.87 -11.15
CA PRO B 256 26.78 -2.67 -10.07
C PRO B 256 26.85 -1.93 -8.74
N LEU B 257 27.34 -0.69 -8.76
CA LEU B 257 27.47 0.06 -7.51
C LEU B 257 26.09 0.30 -6.89
N LEU B 258 25.16 0.80 -7.69
CA LEU B 258 23.81 1.11 -7.21
C LEU B 258 23.05 -0.16 -6.83
N SER B 259 23.24 -1.20 -7.63
CA SER B 259 22.64 -2.50 -7.32
C SER B 259 23.11 -3.00 -5.96
N GLU B 260 24.40 -2.86 -5.70
CA GLU B 260 24.98 -3.30 -4.44
C GLU B 260 24.38 -2.56 -3.24
N ILE B 261 24.31 -1.24 -3.34
CA ILE B 261 23.84 -0.45 -2.21
C ILE B 261 22.31 -0.46 -2.03
N TRP B 262 21.57 -0.73 -3.10
CA TRP B 262 20.10 -0.62 -3.06
C TRP B 262 19.31 -1.90 -3.38
N ASP B 263 19.73 -2.66 -4.38
CA ASP B 263 19.08 -3.93 -4.72
C ASP B 263 19.26 -4.93 -3.58
N VAL B 264 20.43 -4.89 -2.96
CA VAL B 264 20.71 -5.73 -1.79
C VAL B 264 20.32 -5.00 -0.51
N SER C 5 -10.96 -15.50 -37.18
CA SER C 5 -10.53 -14.12 -37.05
C SER C 5 -10.31 -13.81 -35.58
N ALA C 6 -11.17 -14.32 -34.71
CA ALA C 6 -10.97 -14.17 -33.27
C ALA C 6 -9.54 -14.59 -32.94
N ASN C 7 -9.10 -15.71 -33.50
CA ASN C 7 -7.73 -16.11 -33.29
C ASN C 7 -6.74 -15.20 -34.02
N GLU C 8 -7.12 -14.73 -35.22
CA GLU C 8 -6.23 -13.86 -35.96
C GLU C 8 -6.01 -12.52 -35.25
N ASP C 9 -7.03 -12.07 -34.52
CA ASP C 9 -6.97 -10.82 -33.77
C ASP C 9 -6.09 -10.97 -32.52
N MET C 10 -5.92 -12.21 -32.06
CA MET C 10 -5.20 -12.47 -30.81
C MET C 10 -4.77 -13.92 -30.82
N PRO C 11 -3.68 -14.24 -31.55
CA PRO C 11 -3.40 -15.65 -31.85
C PRO C 11 -2.88 -16.45 -30.65
N VAL C 12 -3.51 -17.58 -30.36
CA VAL C 12 -3.11 -18.39 -29.22
C VAL C 12 -1.75 -19.04 -29.45
N GLU C 13 -1.37 -19.16 -30.72
CA GLU C 13 -0.08 -19.73 -31.07
C GLU C 13 1.00 -18.85 -30.48
N ARG C 14 0.82 -17.54 -30.62
CA ARG C 14 1.73 -16.54 -30.08
C ARG C 14 1.71 -16.56 -28.55
N ILE C 15 0.53 -16.68 -27.97
CA ILE C 15 0.43 -16.72 -26.52
C ILE C 15 1.19 -17.91 -25.93
N LEU C 16 1.01 -19.09 -26.53
CA LEU C 16 1.81 -20.27 -26.19
C LEU C 16 3.32 -19.98 -26.26
N GLU C 17 3.77 -19.42 -27.39
CA GLU C 17 5.19 -19.08 -27.55
C GLU C 17 5.68 -18.11 -26.47
N ALA C 18 4.83 -17.19 -26.03
CA ALA C 18 5.23 -16.30 -24.95
C ALA C 18 5.51 -17.10 -23.67
N GLU C 19 4.57 -17.97 -23.30
CA GLU C 19 4.74 -18.86 -22.16
C GLU C 19 6.00 -19.71 -22.27
N LEU C 20 6.21 -20.32 -23.43
CA LEU C 20 7.37 -21.21 -23.62
C LEU C 20 8.68 -20.44 -23.53
N ALA C 21 8.69 -19.22 -24.02
CA ALA C 21 9.88 -18.41 -23.98
C ALA C 21 10.36 -18.11 -22.55
N VAL C 22 9.47 -18.18 -21.57
CA VAL C 22 9.86 -17.78 -20.21
C VAL C 22 9.87 -18.89 -19.15
N GLU C 23 9.82 -20.14 -19.60
CA GLU C 23 10.16 -21.25 -18.71
C GLU C 23 11.63 -21.10 -18.29
N PRO C 24 12.04 -21.75 -17.17
CA PRO C 24 13.34 -21.52 -16.53
C PRO C 24 14.22 -20.48 -17.21
N ASP C 43 14.26 -20.17 5.49
CA ASP C 43 12.85 -20.50 5.69
C ASP C 43 12.05 -20.38 4.39
N PRO C 44 10.91 -21.08 4.32
CA PRO C 44 10.18 -21.20 3.06
C PRO C 44 9.78 -19.84 2.49
N VAL C 45 9.35 -18.93 3.35
CA VAL C 45 8.85 -17.63 2.89
C VAL C 45 9.96 -16.83 2.21
N THR C 46 11.15 -16.85 2.81
CA THR C 46 12.26 -16.13 2.22
C THR C 46 12.59 -16.71 0.85
N ASN C 47 12.58 -18.04 0.77
CA ASN C 47 12.89 -18.71 -0.49
C ASN C 47 11.81 -18.45 -1.55
N ILE C 48 10.55 -18.41 -1.12
CA ILE C 48 9.49 -18.06 -2.02
C ILE C 48 9.72 -16.64 -2.56
N CYS C 49 10.17 -15.75 -1.68
CA CYS C 49 10.41 -14.38 -2.11
C CYS C 49 11.60 -14.29 -3.07
N GLN C 50 12.65 -15.07 -2.80
CA GLN C 50 13.82 -15.05 -3.66
C GLN C 50 13.47 -15.61 -5.03
N ALA C 51 12.57 -16.59 -5.07
CA ALA C 51 12.14 -17.15 -6.34
C ALA C 51 11.37 -16.11 -7.14
N ALA C 52 10.47 -15.39 -6.48
CA ALA C 52 9.70 -14.34 -7.13
C ALA C 52 10.66 -13.33 -7.73
N ASP C 53 11.62 -12.91 -6.93
CA ASP C 53 12.64 -11.96 -7.39
C ASP C 53 13.37 -12.44 -8.64
N LYS C 54 13.73 -13.73 -8.68
CA LYS C 54 14.39 -14.29 -9.85
C LYS C 54 13.50 -14.16 -11.08
N GLN C 55 12.20 -14.36 -10.91
CA GLN C 55 11.30 -14.38 -12.06
C GLN C 55 10.83 -13.02 -12.52
N LEU C 56 11.15 -11.95 -11.80
CA LEU C 56 10.67 -10.62 -12.16
C LEU C 56 11.05 -10.24 -13.58
N PHE C 57 12.28 -10.55 -13.97
CA PHE C 57 12.80 -10.20 -15.28
C PHE C 57 12.03 -10.86 -16.41
N THR C 58 11.34 -11.96 -16.12
CA THR C 58 10.60 -12.68 -17.15
C THR C 58 9.36 -11.93 -17.64
N LEU C 59 8.92 -10.94 -16.86
CA LEU C 59 7.64 -10.31 -17.13
C LEU C 59 7.57 -9.52 -18.44
N VAL C 60 8.57 -8.67 -18.71
CA VAL C 60 8.60 -7.93 -19.97
C VAL C 60 8.90 -8.87 -21.12
N GLU C 61 9.67 -9.90 -20.85
CA GLU C 61 10.04 -10.85 -21.88
C GLU C 61 8.80 -11.63 -22.34
N TRP C 62 8.00 -12.05 -21.38
CA TRP C 62 6.72 -12.69 -21.66
C TRP C 62 5.73 -11.72 -22.30
N ALA C 63 5.56 -10.54 -21.71
CA ALA C 63 4.55 -9.59 -22.18
C ALA C 63 4.78 -9.10 -23.62
N LYS C 64 6.04 -8.93 -24.00
CA LYS C 64 6.33 -8.41 -25.33
C LYS C 64 5.88 -9.38 -26.42
N ARG C 65 5.77 -10.66 -26.06
CA ARG C 65 5.33 -11.69 -27.02
C ARG C 65 3.83 -11.93 -27.00
N ILE C 66 3.12 -11.33 -26.05
CA ILE C 66 1.65 -11.33 -26.11
C ILE C 66 1.19 -10.37 -27.21
N PRO C 67 0.43 -10.87 -28.21
CA PRO C 67 -0.01 -10.04 -29.33
C PRO C 67 -0.53 -8.67 -28.90
N HIS C 68 0.02 -7.62 -29.52
CA HIS C 68 -0.42 -6.24 -29.36
C HIS C 68 0.04 -5.52 -28.09
N PHE C 69 0.53 -6.26 -27.10
CA PHE C 69 0.98 -5.61 -25.89
C PHE C 69 2.02 -4.54 -26.22
N SER C 70 2.94 -4.87 -27.13
CA SER C 70 4.03 -3.96 -27.48
C SER C 70 3.57 -2.71 -28.21
N GLU C 71 2.34 -2.73 -28.72
CA GLU C 71 1.78 -1.58 -29.41
C GLU C 71 1.18 -0.54 -28.45
N LEU C 72 1.01 -0.92 -27.19
CA LEU C 72 0.55 0.03 -26.18
C LEU C 72 1.62 1.08 -25.90
N PRO C 73 1.19 2.28 -25.45
CA PRO C 73 2.16 3.26 -24.95
C PRO C 73 3.14 2.64 -23.97
N LEU C 74 4.39 3.07 -23.99
CA LEU C 74 5.37 2.52 -23.07
C LEU C 74 4.86 2.64 -21.64
N ASP C 75 4.30 3.79 -21.30
CA ASP C 75 3.80 4.04 -19.96
C ASP C 75 2.66 3.10 -19.54
N ASP C 76 1.73 2.83 -20.46
CA ASP C 76 0.66 1.87 -20.18
C ASP C 76 1.24 0.47 -19.95
N GLN C 77 2.23 0.10 -20.75
CA GLN C 77 2.90 -1.20 -20.60
C GLN C 77 3.43 -1.36 -19.19
N VAL C 78 4.12 -0.33 -18.70
CA VAL C 78 4.65 -0.35 -17.35
C VAL C 78 3.50 -0.50 -16.35
N ILE C 79 2.43 0.26 -16.52
CA ILE C 79 1.30 0.19 -15.60
C ILE C 79 0.65 -1.20 -15.53
N LEU C 80 0.50 -1.86 -16.66
CA LEU C 80 -0.11 -3.20 -16.66
C LEU C 80 0.77 -4.21 -15.93
N LEU C 81 2.07 -4.16 -16.18
CA LEU C 81 2.99 -5.08 -15.52
C LEU C 81 3.11 -4.81 -14.01
N ARG C 82 3.09 -3.55 -13.61
CA ARG C 82 3.16 -3.21 -12.19
C ARG C 82 1.92 -3.68 -11.42
N ALA C 83 0.76 -3.60 -12.07
CA ALA C 83 -0.50 -4.02 -11.45
C ALA C 83 -0.66 -5.52 -11.45
N GLY C 84 -0.10 -6.20 -12.44
CA GLY C 84 -0.38 -7.61 -12.62
C GLY C 84 0.69 -8.57 -12.13
N TRP C 85 1.85 -8.04 -11.76
CA TRP C 85 3.02 -8.88 -11.56
C TRP C 85 2.77 -10.06 -10.63
N ASN C 86 2.13 -9.81 -9.50
CA ASN C 86 2.03 -10.87 -8.51
C ASN C 86 1.05 -11.99 -8.93
N GLU C 87 -0.05 -11.61 -9.57
CA GLU C 87 -0.99 -12.64 -10.06
C GLU C 87 -0.39 -13.42 -11.22
N LEU C 88 0.37 -12.72 -12.05
CA LEU C 88 1.04 -13.34 -13.17
C LEU C 88 2.01 -14.40 -12.69
N LEU C 89 2.80 -14.08 -11.66
CA LEU C 89 3.79 -15.02 -11.13
C LEU C 89 3.11 -16.17 -10.39
N ILE C 90 2.12 -15.85 -9.58
CA ILE C 90 1.40 -16.89 -8.84
C ILE C 90 0.82 -17.91 -9.82
N ALA C 91 0.21 -17.41 -10.89
CA ALA C 91 -0.38 -18.31 -11.86
C ALA C 91 0.67 -19.25 -12.49
N SER C 92 1.84 -18.72 -12.80
CA SER C 92 2.90 -19.51 -13.43
C SER C 92 3.46 -20.60 -12.53
N PHE C 93 3.74 -20.26 -11.28
CA PHE C 93 4.32 -21.30 -10.42
C PHE C 93 3.25 -22.34 -10.06
N SER C 94 2.01 -21.88 -9.94
CA SER C 94 0.93 -22.80 -9.67
C SER C 94 0.87 -23.89 -10.74
N HIS C 95 0.79 -23.47 -11.98
CA HIS C 95 0.71 -24.40 -13.08
C HIS C 95 1.94 -25.31 -13.17
N ARG C 96 3.10 -24.73 -12.88
CA ARG C 96 4.35 -25.48 -12.83
C ARG C 96 4.29 -26.56 -11.75
N SER C 97 3.43 -26.36 -10.76
CA SER C 97 3.38 -27.25 -9.60
C SER C 97 2.39 -28.38 -9.74
N ILE C 98 1.79 -28.50 -10.91
CA ILE C 98 0.75 -29.49 -11.15
C ILE C 98 1.14 -30.93 -10.79
N ALA C 99 2.41 -31.28 -10.99
CA ALA C 99 2.84 -32.65 -10.67
C ALA C 99 3.04 -32.80 -9.16
N VAL C 100 3.74 -31.84 -8.57
CA VAL C 100 4.05 -31.90 -7.15
C VAL C 100 2.85 -32.21 -6.28
N LYS C 101 3.04 -33.09 -5.31
CA LYS C 101 1.98 -33.46 -4.39
C LYS C 101 2.05 -32.52 -3.17
N ASP C 102 0.91 -31.93 -2.80
CA ASP C 102 0.84 -31.07 -1.62
C ASP C 102 1.96 -30.02 -1.53
N GLY C 103 2.31 -29.38 -2.64
CA GLY C 103 3.35 -28.37 -2.61
C GLY C 103 3.52 -27.61 -3.90
N ILE C 104 4.54 -26.77 -3.95
CA ILE C 104 4.77 -26.01 -5.15
C ILE C 104 6.22 -26.17 -5.57
N LEU C 105 6.46 -25.93 -6.86
CA LEU C 105 7.79 -25.94 -7.45
C LEU C 105 8.21 -24.50 -7.77
N LEU C 106 9.23 -24.00 -7.06
CA LEU C 106 9.72 -22.65 -7.28
C LEU C 106 10.60 -22.59 -8.53
N ALA C 107 10.75 -21.39 -9.08
CA ALA C 107 11.58 -21.20 -10.25
C ALA C 107 13.04 -21.53 -9.96
N THR C 108 13.43 -21.50 -8.68
CA THR C 108 14.80 -21.84 -8.31
C THR C 108 15.00 -23.36 -8.21
N GLY C 109 13.95 -24.12 -8.49
CA GLY C 109 14.01 -25.56 -8.41
C GLY C 109 13.60 -26.14 -7.06
N LEU C 110 13.58 -25.28 -6.03
CA LEU C 110 13.14 -25.73 -4.70
C LEU C 110 11.68 -26.15 -4.71
N HIS C 111 11.37 -27.13 -3.87
CA HIS C 111 10.01 -27.55 -3.59
C HIS C 111 9.64 -27.01 -2.21
N VAL C 112 8.40 -26.55 -2.06
CA VAL C 112 7.89 -26.18 -0.76
C VAL C 112 6.68 -27.04 -0.46
N HIS C 113 6.75 -27.83 0.60
CA HIS C 113 5.66 -28.71 0.96
C HIS C 113 4.74 -27.98 1.91
N ARG C 114 3.47 -28.37 1.93
CA ARG C 114 2.51 -27.63 2.73
C ARG C 114 2.80 -27.67 4.23
N ASN C 115 3.44 -28.75 4.69
CA ASN C 115 3.83 -28.85 6.10
C ASN C 115 4.81 -27.76 6.47
N SER C 116 5.81 -27.60 5.61
CA SER C 116 6.81 -26.58 5.83
C SER C 116 6.16 -25.21 5.76
N ALA C 117 5.13 -25.07 4.93
CA ALA C 117 4.44 -23.79 4.83
C ALA C 117 3.66 -23.50 6.11
N HIS C 118 3.00 -24.51 6.67
CA HIS C 118 2.26 -24.26 7.91
C HIS C 118 3.19 -23.91 9.07
N SER C 119 4.26 -24.67 9.23
CA SER C 119 5.29 -24.36 10.22
C SER C 119 5.77 -22.92 10.12
N ALA C 120 5.82 -22.40 8.91
CA ALA C 120 6.35 -21.05 8.70
C ALA C 120 5.27 -20.00 8.89
N GLY C 121 4.05 -20.46 9.17
CA GLY C 121 2.94 -19.58 9.51
C GLY C 121 2.13 -18.95 8.38
N VAL C 122 2.20 -19.52 7.18
CA VAL C 122 1.44 -19.03 6.03
C VAL C 122 0.63 -20.18 5.41
N GLY C 123 0.26 -21.15 6.25
CA GLY C 123 -0.43 -22.33 5.80
C GLY C 123 -1.79 -22.04 5.17
N ALA C 124 -2.47 -21.02 5.70
CA ALA C 124 -3.80 -20.68 5.19
C ALA C 124 -3.72 -20.24 3.73
N ILE C 125 -2.86 -19.28 3.44
CA ILE C 125 -2.70 -18.78 2.08
C ILE C 125 -2.08 -19.86 1.18
N PHE C 126 -1.16 -20.64 1.73
CA PHE C 126 -0.49 -21.70 0.96
C PHE C 126 -1.51 -22.74 0.52
N ASP C 127 -2.36 -23.19 1.46
CA ASP C 127 -3.39 -24.18 1.13
C ASP C 127 -4.38 -23.63 0.12
N ARG C 128 -4.67 -22.35 0.23
CA ARG C 128 -5.58 -21.70 -0.69
C ARG C 128 -5.01 -21.81 -2.11
N VAL C 129 -3.70 -21.64 -2.24
CA VAL C 129 -3.04 -21.77 -3.53
C VAL C 129 -3.12 -23.20 -4.08
N LEU C 130 -2.87 -24.18 -3.21
CA LEU C 130 -2.96 -25.58 -3.59
C LEU C 130 -4.35 -25.97 -4.08
N THR C 131 -5.38 -25.59 -3.34
CA THR C 131 -6.73 -26.06 -3.64
C THR C 131 -7.39 -25.27 -4.77
N GLU C 132 -7.24 -23.96 -4.78
CA GLU C 132 -7.90 -23.13 -5.79
C GLU C 132 -7.15 -23.04 -7.11
N LEU C 133 -5.83 -23.19 -7.06
CA LEU C 133 -5.03 -23.02 -8.26
C LEU C 133 -4.37 -24.33 -8.71
N VAL C 134 -3.37 -24.80 -7.95
CA VAL C 134 -2.64 -25.99 -8.37
C VAL C 134 -3.55 -27.20 -8.62
N SER C 135 -4.44 -27.51 -7.67
CA SER C 135 -5.31 -28.68 -7.78
C SER C 135 -6.29 -28.59 -8.95
N LYS C 136 -6.85 -27.40 -9.14
CA LYS C 136 -7.84 -27.17 -10.19
C LYS C 136 -7.18 -27.25 -11.56
N MET C 137 -5.95 -26.75 -11.64
CA MET C 137 -5.17 -26.84 -12.87
C MET C 137 -4.88 -28.30 -13.20
N ARG C 138 -4.48 -29.06 -12.17
CA ARG C 138 -4.14 -30.47 -12.35
C ARG C 138 -5.36 -31.26 -12.79
N ASP C 139 -6.45 -31.06 -12.05
CA ASP C 139 -7.68 -31.81 -12.27
C ASP C 139 -8.29 -31.60 -13.65
N MET C 140 -8.29 -30.36 -14.14
CA MET C 140 -8.87 -30.11 -15.47
C MET C 140 -7.82 -30.26 -16.57
N GLN C 141 -6.59 -30.55 -16.16
CA GLN C 141 -5.50 -30.62 -17.11
C GLN C 141 -5.40 -29.32 -17.90
N MET C 142 -5.33 -28.19 -17.19
CA MET C 142 -5.19 -26.91 -17.84
C MET C 142 -3.94 -26.94 -18.70
N ASP C 143 -4.08 -26.64 -19.98
CA ASP C 143 -2.90 -26.71 -20.81
C ASP C 143 -2.15 -25.38 -20.79
N LYS C 144 -0.98 -25.37 -21.42
CA LYS C 144 -0.15 -24.18 -21.42
C LYS C 144 -0.75 -23.02 -22.20
N THR C 145 -1.52 -23.32 -23.24
CA THR C 145 -2.14 -22.27 -24.03
C THR C 145 -3.20 -21.54 -23.19
N GLU C 146 -3.99 -22.33 -22.49
CA GLU C 146 -5.01 -21.83 -21.59
C GLU C 146 -4.39 -21.03 -20.44
N LEU C 147 -3.32 -21.53 -19.83
CA LEU C 147 -2.58 -20.76 -18.85
C LEU C 147 -2.12 -19.41 -19.42
N GLY C 148 -1.57 -19.40 -20.63
CA GLY C 148 -1.11 -18.18 -21.25
C GLY C 148 -2.21 -17.14 -21.45
N CYS C 149 -3.34 -17.61 -21.95
CA CYS C 149 -4.53 -16.79 -22.15
C CYS C 149 -5.07 -16.21 -20.86
N LEU C 150 -5.08 -17.00 -19.79
CA LEU C 150 -5.57 -16.50 -18.52
C LEU C 150 -4.63 -15.40 -18.01
N ARG C 151 -3.33 -15.61 -18.19
CA ARG C 151 -2.35 -14.60 -17.79
C ARG C 151 -2.49 -13.37 -18.65
N ALA C 152 -2.80 -13.55 -19.93
CA ALA C 152 -3.02 -12.42 -20.81
C ALA C 152 -4.21 -11.63 -20.29
N ILE C 153 -5.24 -12.34 -19.82
CA ILE C 153 -6.43 -11.67 -19.28
C ILE C 153 -6.06 -10.86 -18.04
N VAL C 154 -5.19 -11.42 -17.21
CA VAL C 154 -4.69 -10.72 -16.05
C VAL C 154 -3.89 -9.48 -16.46
N LEU C 155 -3.04 -9.64 -17.47
CA LEU C 155 -2.22 -8.55 -17.96
C LEU C 155 -3.05 -7.37 -18.47
N PHE C 156 -3.95 -7.63 -19.43
CA PHE C 156 -4.77 -6.58 -20.05
C PHE C 156 -5.93 -6.12 -19.14
N ASN C 157 -5.57 -5.59 -17.97
CA ASN C 157 -6.54 -5.12 -16.99
C ASN C 157 -6.79 -3.60 -17.13
N PRO C 158 -7.97 -3.21 -17.65
CA PRO C 158 -8.15 -1.79 -17.98
C PRO C 158 -8.43 -0.93 -16.73
N ASP C 159 -8.61 -1.56 -15.58
CA ASP C 159 -9.01 -0.85 -14.37
C ASP C 159 -7.87 -0.23 -13.54
N SER C 160 -6.62 -0.43 -13.94
CA SER C 160 -5.51 0.10 -13.13
C SER C 160 -5.37 1.60 -13.37
N LYS C 161 -5.06 2.35 -12.32
CA LYS C 161 -4.99 3.80 -12.42
C LYS C 161 -3.85 4.27 -13.32
N GLY C 162 -4.09 5.32 -14.08
CA GLY C 162 -3.05 5.96 -14.85
C GLY C 162 -2.86 5.52 -16.28
N LEU C 163 -3.75 4.67 -16.79
CA LEU C 163 -3.64 4.25 -18.19
C LEU C 163 -3.95 5.42 -19.11
N SER C 164 -3.17 5.55 -20.19
CA SER C 164 -3.38 6.61 -21.16
C SER C 164 -4.64 6.34 -21.98
N ASN C 165 -4.94 5.06 -22.19
CA ASN C 165 -6.18 4.67 -22.85
C ASN C 165 -6.70 3.32 -22.41
N PRO C 166 -7.52 3.32 -21.36
CA PRO C 166 -8.13 2.10 -20.82
C PRO C 166 -8.91 1.37 -21.90
N ALA C 167 -9.61 2.11 -22.74
CA ALA C 167 -10.45 1.51 -23.77
C ALA C 167 -9.66 0.53 -24.63
N GLU C 168 -8.44 0.90 -24.99
CA GLU C 168 -7.61 0.02 -25.82
C GLU C 168 -7.24 -1.26 -25.05
N VAL C 169 -6.90 -1.11 -23.78
CA VAL C 169 -6.55 -2.27 -22.97
C VAL C 169 -7.77 -3.19 -22.82
N GLU C 170 -8.94 -2.59 -22.61
CA GLU C 170 -10.17 -3.38 -22.49
C GLU C 170 -10.45 -4.15 -23.78
N ALA C 171 -10.29 -3.49 -24.92
CA ALA C 171 -10.45 -4.12 -26.23
C ALA C 171 -9.57 -5.37 -26.38
N LEU C 172 -8.33 -5.27 -25.92
CA LEU C 172 -7.39 -6.37 -26.06
C LEU C 172 -7.83 -7.52 -25.17
N ARG C 173 -8.36 -7.19 -24.00
CA ARG C 173 -8.79 -8.22 -23.09
C ARG C 173 -9.93 -9.01 -23.71
N GLU C 174 -10.86 -8.30 -24.32
CA GLU C 174 -11.99 -8.99 -24.95
C GLU C 174 -11.51 -9.85 -26.09
N LYS C 175 -10.40 -9.47 -26.72
CA LYS C 175 -9.89 -10.29 -27.80
C LYS C 175 -9.34 -11.60 -27.27
N VAL C 176 -8.78 -11.56 -26.06
CA VAL C 176 -8.39 -12.81 -25.43
C VAL C 176 -9.62 -13.63 -25.09
N TYR C 177 -10.69 -13.01 -24.56
CA TYR C 177 -11.92 -13.77 -24.28
C TYR C 177 -12.33 -14.56 -25.51
N ALA C 178 -12.46 -13.88 -26.65
CA ALA C 178 -12.92 -14.53 -27.88
C ALA C 178 -11.95 -15.59 -28.42
N SER C 179 -10.67 -15.25 -28.44
CA SER C 179 -9.66 -16.21 -28.86
C SER C 179 -9.60 -17.43 -27.95
N LEU C 180 -9.62 -17.21 -26.64
CA LEU C 180 -9.58 -18.32 -25.70
C LEU C 180 -10.82 -19.20 -25.84
N GLU C 181 -12.00 -18.59 -25.93
CA GLU C 181 -13.21 -19.39 -26.05
C GLU C 181 -13.18 -20.19 -27.35
N ALA C 182 -12.83 -19.53 -28.44
CA ALA C 182 -12.70 -20.23 -29.71
C ALA C 182 -11.75 -21.41 -29.56
N TYR C 183 -10.64 -21.20 -28.87
CA TYR C 183 -9.66 -22.26 -28.68
C TYR C 183 -10.21 -23.45 -27.88
N CYS C 184 -10.96 -23.17 -26.81
CA CYS C 184 -11.58 -24.24 -26.02
C CYS C 184 -12.63 -25.07 -26.80
N LYS C 185 -13.45 -24.41 -27.60
CA LYS C 185 -14.47 -25.11 -28.38
C LYS C 185 -13.84 -26.02 -29.42
N HIS C 186 -12.68 -25.62 -29.94
CA HIS C 186 -12.03 -26.40 -30.98
C HIS C 186 -11.16 -27.52 -30.40
N LYS C 187 -10.48 -27.23 -29.30
CA LYS C 187 -9.55 -28.20 -28.72
C LYS C 187 -10.25 -29.16 -27.74
N TYR C 188 -11.35 -28.71 -27.14
CA TYR C 188 -12.10 -29.54 -26.21
C TYR C 188 -13.60 -29.47 -26.51
N PRO C 189 -14.00 -29.92 -27.70
CA PRO C 189 -15.40 -29.76 -28.11
C PRO C 189 -16.37 -30.50 -27.19
N GLU C 190 -15.88 -31.52 -26.49
CA GLU C 190 -16.73 -32.33 -25.63
C GLU C 190 -16.80 -31.78 -24.21
N GLN C 191 -16.25 -30.58 -23.99
CA GLN C 191 -16.29 -29.92 -22.70
C GLN C 191 -16.84 -28.50 -22.87
N PRO C 192 -18.17 -28.36 -23.05
CA PRO C 192 -18.76 -27.04 -23.28
C PRO C 192 -18.58 -26.08 -22.11
N GLY C 193 -18.33 -26.61 -20.92
CA GLY C 193 -18.11 -25.75 -19.77
C GLY C 193 -16.67 -25.26 -19.63
N ARG C 194 -15.78 -25.66 -20.53
CA ARG C 194 -14.35 -25.46 -20.26
C ARG C 194 -13.95 -23.98 -20.16
N PHE C 195 -14.34 -23.17 -21.14
CA PHE C 195 -14.11 -21.73 -21.12
C PHE C 195 -14.49 -21.10 -19.77
N ALA C 196 -15.73 -21.31 -19.34
CA ALA C 196 -16.21 -20.75 -18.08
C ALA C 196 -15.34 -21.21 -16.90
N LYS C 197 -15.03 -22.51 -16.90
CA LYS C 197 -14.18 -23.11 -15.89
C LYS C 197 -12.83 -22.40 -15.74
N LEU C 198 -12.20 -22.08 -16.86
CA LEU C 198 -10.92 -21.36 -16.80
C LEU C 198 -11.14 -19.98 -16.20
N LEU C 199 -12.18 -19.28 -16.65
CA LEU C 199 -12.45 -17.94 -16.15
C LEU C 199 -12.71 -17.96 -14.64
N LEU C 200 -13.43 -18.98 -14.18
CA LEU C 200 -13.77 -19.09 -12.76
C LEU C 200 -12.55 -19.31 -11.86
N ARG C 201 -11.37 -19.46 -12.43
CA ARG C 201 -10.18 -19.51 -11.59
C ARG C 201 -9.72 -18.10 -11.24
N LEU C 202 -10.15 -17.11 -12.01
CA LEU C 202 -9.61 -15.74 -11.86
C LEU C 202 -10.03 -15.03 -10.56
N PRO C 203 -11.30 -15.22 -10.14
CA PRO C 203 -11.63 -14.58 -8.86
C PRO C 203 -10.76 -15.15 -7.74
N ALA C 204 -10.54 -16.46 -7.71
CA ALA C 204 -9.66 -17.03 -6.68
C ALA C 204 -8.24 -16.50 -6.81
N LEU C 205 -7.77 -16.36 -8.05
CA LEU C 205 -6.43 -15.79 -8.25
C LEU C 205 -6.34 -14.35 -7.76
N ARG C 206 -7.37 -13.55 -8.01
CA ARG C 206 -7.35 -12.16 -7.56
C ARG C 206 -7.32 -12.10 -6.04
N SER C 207 -8.20 -12.83 -5.35
CA SER C 207 -8.19 -12.84 -3.89
C SER C 207 -6.86 -13.31 -3.30
N ILE C 208 -6.26 -14.32 -3.94
CA ILE C 208 -4.97 -14.79 -3.46
C ILE C 208 -3.89 -13.72 -3.66
N GLY C 209 -3.92 -13.08 -4.83
CA GLY C 209 -2.95 -12.05 -5.14
C GLY C 209 -3.04 -10.86 -4.21
N LEU C 210 -4.26 -10.46 -3.86
CA LEU C 210 -4.48 -9.42 -2.87
C LEU C 210 -3.96 -9.86 -1.49
N LYS C 211 -4.25 -11.10 -1.10
CA LYS C 211 -3.80 -11.60 0.19
C LYS C 211 -2.27 -11.55 0.30
N CYS C 212 -1.59 -12.09 -0.71
CA CYS C 212 -0.13 -12.09 -0.77
C CYS C 212 0.49 -10.70 -0.74
N LEU C 213 -0.33 -9.67 -0.80
CA LEU C 213 0.17 -8.30 -0.82
C LEU C 213 -0.15 -7.55 0.48
N GLU C 214 -0.83 -8.22 1.42
CA GLU C 214 -1.12 -7.58 2.70
C GLU C 214 -0.13 -8.02 3.77
N ASP C 228 -21.17 -15.77 13.47
CA ASP C 228 -21.54 -15.82 14.88
C ASP C 228 -23.05 -15.76 15.12
N THR C 229 -23.43 -15.06 16.19
CA THR C 229 -24.75 -15.14 16.79
C THR C 229 -25.88 -14.53 15.95
N PHE C 230 -25.69 -13.29 15.52
CA PHE C 230 -26.74 -12.57 14.80
C PHE C 230 -27.05 -13.17 13.43
N LEU C 231 -26.01 -13.59 12.71
CA LEU C 231 -26.21 -14.27 11.44
C LEU C 231 -26.96 -15.57 11.66
N MET C 232 -26.52 -16.35 12.65
CA MET C 232 -27.14 -17.63 12.93
C MET C 232 -28.62 -17.44 13.26
N GLU C 233 -28.93 -16.34 13.94
CA GLU C 233 -30.30 -16.02 14.32
C GLU C 233 -31.15 -15.62 13.12
N MET C 234 -30.56 -14.86 12.19
CA MET C 234 -31.22 -14.52 10.94
C MET C 234 -31.52 -15.78 10.14
N LEU C 235 -30.61 -16.74 10.19
CA LEU C 235 -30.74 -18.00 9.46
C LEU C 235 -31.77 -18.94 10.07
N GLU C 236 -32.17 -18.65 11.30
CA GLU C 236 -33.11 -19.52 12.00
C GLU C 236 -34.54 -18.99 11.97
N ALA C 237 -34.68 -17.68 11.77
CA ALA C 237 -35.98 -17.03 11.74
C ALA C 237 -37.06 -17.82 10.98
N GLN D 24 -32.22 -24.14 -26.65
CA GLN D 24 -32.91 -23.33 -25.65
C GLN D 24 -32.64 -23.77 -24.21
N LEU D 25 -33.09 -22.95 -23.27
CA LEU D 25 -32.95 -23.25 -21.84
C LEU D 25 -33.81 -24.45 -21.49
N SER D 26 -33.30 -25.33 -20.65
CA SER D 26 -34.07 -26.48 -20.19
C SER D 26 -35.18 -25.98 -19.27
N PRO D 27 -36.25 -26.78 -19.12
CA PRO D 27 -37.31 -26.46 -18.16
C PRO D 27 -36.75 -26.19 -16.77
N GLU D 28 -35.75 -26.96 -16.34
CA GLU D 28 -35.20 -26.76 -14.99
C GLU D 28 -34.45 -25.44 -14.84
N GLN D 29 -33.79 -24.99 -15.90
CA GLN D 29 -33.06 -23.75 -15.83
C GLN D 29 -34.06 -22.61 -15.81
N LEU D 30 -35.14 -22.74 -16.56
CA LEU D 30 -36.19 -21.73 -16.56
C LEU D 30 -36.88 -21.62 -15.21
N GLY D 31 -37.16 -22.77 -14.59
CA GLY D 31 -37.81 -22.78 -13.29
C GLY D 31 -36.90 -22.19 -12.23
N MET D 32 -35.61 -22.46 -12.36
CA MET D 32 -34.67 -22.06 -11.34
C MET D 32 -34.48 -20.54 -11.45
N ILE D 33 -34.51 -20.04 -12.68
CA ILE D 33 -34.38 -18.62 -12.90
C ILE D 33 -35.63 -17.88 -12.39
N GLU D 34 -36.81 -18.34 -12.79
CA GLU D 34 -38.04 -17.77 -12.24
C GLU D 34 -37.99 -17.69 -10.71
N LYS D 35 -37.47 -18.74 -10.08
CA LYS D 35 -37.38 -18.80 -8.62
C LYS D 35 -36.43 -17.72 -8.07
N LEU D 36 -35.25 -17.60 -8.68
CA LEU D 36 -34.31 -16.56 -8.26
C LEU D 36 -34.93 -15.17 -8.41
N VAL D 37 -35.55 -14.90 -9.56
CA VAL D 37 -36.15 -13.58 -9.77
C VAL D 37 -37.31 -13.34 -8.78
N ALA D 38 -38.18 -14.34 -8.61
CA ALA D 38 -39.28 -14.20 -7.65
C ALA D 38 -38.76 -13.93 -6.25
N ALA D 39 -37.69 -14.62 -5.87
CA ALA D 39 -37.15 -14.52 -4.54
C ALA D 39 -36.63 -13.10 -4.29
N GLN D 40 -36.02 -12.49 -5.30
CA GLN D 40 -35.48 -11.14 -5.17
C GLN D 40 -36.60 -10.12 -5.05
N GLN D 41 -37.61 -10.25 -5.91
CA GLN D 41 -38.77 -9.35 -5.86
C GLN D 41 -39.47 -9.44 -4.52
N GLN D 42 -39.69 -10.67 -4.04
CA GLN D 42 -40.34 -10.85 -2.75
C GLN D 42 -39.48 -10.33 -1.59
N CYS D 43 -38.18 -10.61 -1.58
CA CYS D 43 -37.32 -10.15 -0.50
C CYS D 43 -37.24 -8.63 -0.50
N ASN D 44 -37.19 -8.05 -1.70
CA ASN D 44 -37.07 -6.61 -1.84
C ASN D 44 -38.34 -5.88 -1.40
N ARG D 45 -39.51 -6.42 -1.72
CA ARG D 45 -40.75 -5.79 -1.27
C ARG D 45 -40.81 -5.70 0.25
N ARG D 46 -40.18 -6.66 0.94
CA ARG D 46 -40.16 -6.61 2.40
C ARG D 46 -39.24 -5.50 2.89
N SER D 47 -38.08 -5.39 2.25
CA SER D 47 -37.15 -4.30 2.58
C SER D 47 -37.86 -2.96 2.48
N PHE D 48 -38.59 -2.79 1.39
CA PHE D 48 -39.29 -1.55 1.11
C PHE D 48 -40.26 -1.22 2.23
N SER D 49 -40.90 -2.23 2.79
CA SER D 49 -41.86 -2.02 3.87
C SER D 49 -41.20 -1.46 5.14
N ASP D 50 -39.87 -1.46 5.17
CA ASP D 50 -39.10 -0.97 6.31
C ASP D 50 -38.46 0.39 6.06
N ARG D 51 -38.70 1.00 4.90
CA ARG D 51 -38.02 2.25 4.55
C ARG D 51 -38.30 3.39 5.55
N LEU D 52 -39.51 3.40 6.10
CA LEU D 52 -39.91 4.44 7.04
C LEU D 52 -39.24 4.30 8.41
N ARG D 53 -38.70 3.11 8.69
CA ARG D 53 -38.07 2.82 9.99
C ARG D 53 -36.64 3.37 10.08
N VAL D 54 -36.01 3.55 8.93
CA VAL D 54 -34.63 4.01 8.87
C VAL D 54 -34.47 5.42 9.45
N THR D 55 -33.45 5.62 10.29
CA THR D 55 -33.06 6.96 10.74
C THR D 55 -32.96 7.86 9.53
N PRO D 56 -33.56 9.06 9.59
CA PRO D 56 -33.51 9.98 8.45
C PRO D 56 -32.13 10.59 8.20
N TRP D 57 -31.91 10.93 6.94
CA TRP D 57 -30.76 11.72 6.54
C TRP D 57 -30.89 13.07 7.23
N PRO D 58 -29.77 13.60 7.76
CA PRO D 58 -29.74 14.85 8.54
C PRO D 58 -30.16 16.05 7.70
N ILE D 59 -30.68 17.05 8.40
CA ILE D 59 -31.15 18.27 7.77
C ILE D 59 -30.12 19.35 8.01
N ALA D 60 -29.37 19.20 9.11
CA ALA D 60 -28.43 20.21 9.57
C ALA D 60 -27.49 20.74 8.49
N PRO D 61 -27.40 22.07 8.40
CA PRO D 61 -26.45 22.79 7.56
C PRO D 61 -25.19 23.13 8.36
N ASP D 62 -24.22 22.24 8.35
CA ASP D 62 -22.92 22.53 8.94
C ASP D 62 -22.00 21.38 8.59
N PRO D 63 -21.10 21.61 7.63
CA PRO D 63 -20.23 20.55 7.12
C PRO D 63 -19.31 20.08 8.24
N GLN D 64 -19.09 20.94 9.22
CA GLN D 64 -18.16 20.63 10.29
C GLN D 64 -18.84 20.02 11.50
N SER D 65 -20.15 19.81 11.42
CA SER D 65 -20.88 19.17 12.50
C SER D 65 -20.63 17.67 12.56
N ARG D 66 -20.02 17.24 13.65
CA ARG D 66 -19.73 15.83 13.85
C ARG D 66 -21.04 15.06 14.05
N GLU D 67 -21.97 15.69 14.77
CA GLU D 67 -23.29 15.11 14.97
C GLU D 67 -23.99 14.82 13.62
N ALA D 68 -23.91 15.75 12.68
CA ALA D 68 -24.56 15.54 11.39
C ALA D 68 -23.87 14.43 10.62
N ARG D 69 -22.54 14.41 10.67
CA ARG D 69 -21.76 13.34 10.08
C ARG D 69 -22.17 11.97 10.64
N GLN D 70 -22.23 11.85 11.96
CA GLN D 70 -22.61 10.58 12.57
C GLN D 70 -24.01 10.12 12.15
N GLN D 71 -24.97 11.05 12.13
CA GLN D 71 -26.32 10.72 11.69
C GLN D 71 -26.36 10.17 10.26
N ARG D 72 -25.56 10.77 9.38
CA ARG D 72 -25.50 10.30 7.99
C ARG D 72 -24.91 8.89 7.99
N PHE D 73 -23.89 8.67 8.80
CA PHE D 73 -23.30 7.34 8.95
C PHE D 73 -24.31 6.33 9.47
N ALA D 74 -25.09 6.72 10.47
CA ALA D 74 -26.15 5.87 11.03
C ALA D 74 -27.21 5.48 10.00
N HIS D 75 -27.69 6.47 9.25
CA HIS D 75 -28.60 6.24 8.12
C HIS D 75 -28.02 5.14 7.23
N PHE D 76 -26.80 5.35 6.73
CA PHE D 76 -26.13 4.39 5.84
C PHE D 76 -25.93 2.99 6.44
N THR D 77 -25.50 2.91 7.69
CA THR D 77 -25.34 1.60 8.31
C THR D 77 -26.70 0.93 8.48
N GLU D 78 -27.76 1.72 8.69
CA GLU D 78 -29.06 1.13 8.89
C GLU D 78 -29.54 0.58 7.56
N LEU D 79 -29.24 1.27 6.46
CA LEU D 79 -29.54 0.74 5.14
C LEU D 79 -28.81 -0.55 4.86
N ALA D 80 -27.55 -0.64 5.27
CA ALA D 80 -26.73 -1.81 5.00
C ALA D 80 -27.33 -3.03 5.69
N ILE D 81 -27.87 -2.82 6.88
CA ILE D 81 -28.53 -3.89 7.60
C ILE D 81 -29.75 -4.38 6.83
N VAL D 82 -30.57 -3.45 6.35
CA VAL D 82 -31.68 -3.84 5.52
C VAL D 82 -31.18 -4.71 4.36
N SER D 83 -30.13 -4.26 3.69
CA SER D 83 -29.56 -5.02 2.60
C SER D 83 -29.14 -6.42 3.05
N VAL D 84 -28.42 -6.51 4.17
CA VAL D 84 -27.93 -7.80 4.63
C VAL D 84 -29.13 -8.73 4.93
N GLN D 85 -30.17 -8.19 5.53
CA GLN D 85 -31.37 -8.96 5.82
C GLN D 85 -31.96 -9.58 4.55
N GLU D 86 -32.03 -8.79 3.49
CA GLU D 86 -32.53 -9.27 2.21
C GLU D 86 -31.63 -10.40 1.64
N ILE D 87 -30.33 -10.26 1.81
CA ILE D 87 -29.38 -11.20 1.23
C ILE D 87 -29.50 -12.56 1.90
N VAL D 88 -29.59 -12.56 3.23
CA VAL D 88 -29.77 -13.80 3.96
C VAL D 88 -31.11 -14.43 3.55
N ASP D 89 -32.14 -13.61 3.53
CA ASP D 89 -33.48 -14.04 3.11
C ASP D 89 -33.47 -14.65 1.69
N PHE D 90 -32.72 -14.03 0.78
CA PHE D 90 -32.61 -14.56 -0.58
C PHE D 90 -31.80 -15.84 -0.60
N ALA D 91 -30.73 -15.88 0.20
CA ALA D 91 -29.85 -17.05 0.20
C ALA D 91 -30.61 -18.32 0.62
N LYS D 92 -31.52 -18.16 1.57
CA LYS D 92 -32.27 -19.29 2.07
C LYS D 92 -33.19 -19.88 1.01
N GLN D 93 -33.46 -19.09 -0.03
CA GLN D 93 -34.25 -19.58 -1.15
C GLN D 93 -33.41 -20.34 -2.17
N LEU D 94 -32.09 -20.21 -2.12
CA LEU D 94 -31.21 -20.90 -3.06
C LEU D 94 -31.21 -22.42 -2.86
N PRO D 95 -31.71 -23.17 -3.86
CA PRO D 95 -31.73 -24.64 -3.77
C PRO D 95 -30.38 -25.17 -3.31
N GLY D 96 -30.37 -26.01 -2.29
CA GLY D 96 -29.13 -26.57 -1.79
C GLY D 96 -28.49 -25.74 -0.70
N PHE D 97 -28.80 -24.44 -0.65
CA PHE D 97 -28.19 -23.60 0.38
C PHE D 97 -28.46 -24.14 1.79
N LEU D 98 -29.73 -24.36 2.11
CA LEU D 98 -30.11 -24.80 3.44
C LEU D 98 -29.71 -26.26 3.73
N GLN D 99 -29.30 -26.98 2.69
CA GLN D 99 -28.82 -28.35 2.87
C GLN D 99 -27.34 -28.39 3.24
N LEU D 100 -26.66 -27.25 3.07
CA LEU D 100 -25.30 -27.12 3.59
C LEU D 100 -25.40 -27.06 5.10
N SER D 101 -24.30 -27.31 5.79
CA SER D 101 -24.26 -27.11 7.24
C SER D 101 -24.51 -25.64 7.60
N ARG D 102 -24.84 -25.39 8.86
CA ARG D 102 -25.01 -24.00 9.29
C ARG D 102 -23.69 -23.24 9.17
N GLU D 103 -22.59 -23.93 9.47
CA GLU D 103 -21.27 -23.32 9.38
C GLU D 103 -20.93 -22.87 7.96
N ASP D 104 -21.20 -23.72 6.98
CA ASP D 104 -20.96 -23.34 5.58
C ASP D 104 -21.91 -22.22 5.13
N GLN D 105 -23.17 -22.31 5.56
CA GLN D 105 -24.14 -21.26 5.24
C GLN D 105 -23.58 -19.91 5.69
N ILE D 106 -23.11 -19.88 6.94
CA ILE D 106 -22.50 -18.70 7.53
C ILE D 106 -21.19 -18.28 6.83
N ALA D 107 -20.33 -19.24 6.52
CA ALA D 107 -19.09 -18.94 5.81
C ALA D 107 -19.34 -18.27 4.46
N LEU D 108 -20.29 -18.81 3.71
CA LEU D 108 -20.64 -18.23 2.42
C LEU D 108 -21.25 -16.82 2.58
N LEU D 109 -22.13 -16.66 3.55
CA LEU D 109 -22.83 -15.37 3.72
C LEU D 109 -21.94 -14.25 4.26
N LYS D 110 -21.05 -14.57 5.19
CA LYS D 110 -20.19 -13.56 5.80
C LYS D 110 -19.30 -12.86 4.78
N THR D 111 -18.84 -13.61 3.79
CA THR D 111 -17.87 -13.08 2.83
C THR D 111 -18.53 -12.63 1.52
N SER D 112 -19.64 -13.24 1.15
CA SER D 112 -20.34 -12.82 -0.06
C SER D 112 -21.24 -11.61 0.14
N ALA D 113 -21.62 -11.34 1.40
CA ALA D 113 -22.51 -10.21 1.69
C ALA D 113 -22.08 -8.91 1.01
N ILE D 114 -20.83 -8.53 1.18
CA ILE D 114 -20.37 -7.27 0.59
C ILE D 114 -20.47 -7.29 -0.93
N GLU D 115 -20.23 -8.44 -1.53
CA GLU D 115 -20.28 -8.57 -3.00
C GLU D 115 -21.69 -8.43 -3.53
N VAL D 116 -22.65 -9.03 -2.82
CA VAL D 116 -24.04 -8.96 -3.27
C VAL D 116 -24.54 -7.54 -3.05
N MET D 117 -24.15 -6.93 -1.93
CA MET D 117 -24.51 -5.56 -1.64
C MET D 117 -23.99 -4.64 -2.77
N LEU D 118 -22.80 -4.91 -3.27
CA LEU D 118 -22.22 -4.11 -4.35
C LEU D 118 -22.98 -4.34 -5.67
N LEU D 119 -23.31 -5.59 -5.97
CA LEU D 119 -24.08 -5.87 -7.17
C LEU D 119 -25.44 -5.16 -7.09
N GLU D 120 -26.09 -5.25 -5.94
CA GLU D 120 -27.42 -4.64 -5.76
C GLU D 120 -27.32 -3.11 -5.79
N THR D 121 -26.21 -2.56 -5.31
CA THR D 121 -25.96 -1.14 -5.41
C THR D 121 -25.73 -0.73 -6.87
N SER D 122 -25.00 -1.54 -7.63
CA SER D 122 -24.79 -1.22 -9.04
C SER D 122 -26.10 -1.18 -9.87
N ARG D 123 -27.14 -1.89 -9.43
CA ARG D 123 -28.42 -1.85 -10.14
C ARG D 123 -29.17 -0.57 -9.87
N ARG D 124 -28.72 0.17 -8.87
CA ARG D 124 -29.44 1.32 -8.38
C ARG D 124 -28.66 2.60 -8.68
N TYR D 125 -27.73 2.50 -9.62
CA TYR D 125 -26.93 3.64 -10.06
C TYR D 125 -27.62 4.42 -11.18
N ASN D 126 -27.70 5.74 -11.02
CA ASN D 126 -28.31 6.61 -12.03
C ASN D 126 -27.23 7.34 -12.83
N PRO D 127 -26.96 6.88 -14.06
CA PRO D 127 -25.83 7.40 -14.86
C PRO D 127 -25.95 8.91 -15.06
N GLY D 128 -27.18 9.38 -15.23
CA GLY D 128 -27.46 10.78 -15.43
C GLY D 128 -27.01 11.72 -14.33
N SER D 129 -27.41 11.42 -13.10
CA SER D 129 -27.10 12.29 -11.97
C SER D 129 -25.89 11.77 -11.21
N GLU D 130 -25.25 10.76 -11.78
CA GLU D 130 -24.19 10.04 -11.08
C GLU D 130 -24.55 9.90 -9.62
N SER D 131 -25.71 9.28 -9.38
CA SER D 131 -26.17 9.03 -8.03
C SER D 131 -26.60 7.57 -7.86
N ILE D 132 -26.81 7.19 -6.61
CA ILE D 132 -27.28 5.85 -6.28
C ILE D 132 -28.52 6.01 -5.41
N THR D 133 -29.52 5.18 -5.66
CA THR D 133 -30.79 5.34 -4.97
C THR D 133 -31.18 4.06 -4.26
N PHE D 134 -31.40 4.15 -2.96
CA PHE D 134 -31.85 3.01 -2.18
C PHE D 134 -33.32 3.17 -1.81
N LEU D 135 -34.11 2.11 -1.95
CA LEU D 135 -35.50 2.11 -1.53
C LEU D 135 -36.29 3.24 -2.17
N LYS D 136 -35.96 3.53 -3.43
CA LYS D 136 -36.67 4.52 -4.23
C LYS D 136 -36.49 5.99 -3.81
N ASP D 137 -36.33 6.24 -2.50
CA ASP D 137 -36.35 7.60 -1.96
C ASP D 137 -35.01 8.18 -1.54
N PHE D 138 -34.04 7.32 -1.26
CA PHE D 138 -32.78 7.77 -0.69
C PHE D 138 -31.67 7.80 -1.75
N SER D 139 -31.52 8.94 -2.43
CA SER D 139 -30.53 9.09 -3.50
C SER D 139 -29.31 9.88 -3.07
N TYR D 140 -28.12 9.37 -3.38
CA TYR D 140 -26.87 10.02 -2.98
C TYR D 140 -25.78 10.04 -4.06
N ASN D 141 -25.01 11.11 -4.07
CA ASN D 141 -23.90 11.23 -4.97
C ASN D 141 -22.58 11.04 -4.20
N ARG D 142 -21.44 11.08 -4.89
CA ARG D 142 -20.16 10.86 -4.24
C ARG D 142 -19.94 11.77 -3.02
N GLU D 143 -20.36 13.03 -3.12
CA GLU D 143 -20.15 13.98 -2.04
C GLU D 143 -20.96 13.60 -0.80
N ASP D 144 -22.19 13.13 -1.02
CA ASP D 144 -23.04 12.70 0.07
C ASP D 144 -22.37 11.60 0.88
N PHE D 145 -21.75 10.66 0.18
CA PHE D 145 -21.07 9.56 0.88
C PHE D 145 -19.84 10.05 1.65
N ALA D 146 -19.10 10.98 1.05
CA ALA D 146 -17.98 11.61 1.74
C ALA D 146 -18.48 12.35 3.00
N LYS D 147 -19.67 12.94 2.92
CA LYS D 147 -20.22 13.68 4.06
C LYS D 147 -20.48 12.78 5.26
N ALA D 148 -20.56 11.48 5.03
CA ALA D 148 -20.79 10.53 6.12
C ALA D 148 -19.47 10.07 6.75
N GLY D 149 -18.37 10.55 6.18
CA GLY D 149 -17.06 10.19 6.69
C GLY D 149 -16.42 9.01 5.99
N LEU D 150 -17.05 8.53 4.93
CA LEU D 150 -16.47 7.43 4.15
C LEU D 150 -15.32 7.98 3.30
N GLN D 151 -14.32 7.16 3.04
CA GLN D 151 -13.14 7.64 2.35
C GLN D 151 -13.22 7.52 0.83
N VAL D 152 -12.62 8.48 0.16
CA VAL D 152 -12.58 8.51 -1.31
C VAL D 152 -12.04 7.22 -1.95
N GLU D 153 -11.10 6.55 -1.27
CA GLU D 153 -10.55 5.29 -1.75
C GLU D 153 -11.64 4.21 -1.82
N PHE D 154 -12.65 4.35 -0.96
CA PHE D 154 -13.79 3.43 -0.90
C PHE D 154 -14.87 3.88 -1.91
N ILE D 155 -15.19 5.17 -1.86
CA ILE D 155 -16.30 5.73 -2.63
C ILE D 155 -16.06 5.63 -4.14
N ASN D 156 -14.85 5.97 -4.58
CA ASN D 156 -14.60 6.07 -6.00
C ASN D 156 -14.63 4.75 -6.76
N PRO D 157 -13.99 3.70 -6.22
CA PRO D 157 -14.08 2.42 -6.92
C PRO D 157 -15.50 1.91 -7.02
N ILE D 158 -16.33 2.16 -6.00
CA ILE D 158 -17.72 1.69 -6.00
C ILE D 158 -18.56 2.39 -7.08
N PHE D 159 -18.43 3.71 -7.18
CA PHE D 159 -19.03 4.44 -8.30
C PHE D 159 -18.54 3.95 -9.66
N GLU D 160 -17.25 3.67 -9.78
CA GLU D 160 -16.72 3.22 -11.07
C GLU D 160 -17.30 1.86 -11.41
N PHE D 161 -17.41 1.00 -10.40
CA PHE D 161 -17.97 -0.34 -10.60
C PHE D 161 -19.43 -0.18 -10.99
N SER D 162 -20.11 0.74 -10.33
CA SER D 162 -21.54 0.89 -10.56
C SER D 162 -21.76 1.36 -11.99
N ARG D 163 -20.96 2.33 -12.43
CA ARG D 163 -21.07 2.85 -13.79
C ARG D 163 -20.85 1.75 -14.81
N ALA D 164 -19.83 0.93 -14.58
CA ALA D 164 -19.50 -0.13 -15.53
C ALA D 164 -20.58 -1.18 -15.59
N MET D 165 -21.09 -1.58 -14.43
CA MET D 165 -22.20 -2.53 -14.40
C MET D 165 -23.40 -1.97 -15.13
N ASN D 166 -23.75 -0.73 -14.83
CA ASN D 166 -24.86 -0.08 -15.49
C ASN D 166 -24.75 -0.20 -17.01
N GLU D 167 -23.55 0.01 -17.54
CA GLU D 167 -23.30 -0.05 -18.98
C GLU D 167 -23.54 -1.44 -19.54
N LEU D 168 -23.26 -2.47 -18.75
CA LEU D 168 -23.54 -3.85 -19.16
C LEU D 168 -25.01 -4.05 -19.44
N GLN D 169 -25.85 -3.27 -18.78
CA GLN D 169 -27.29 -3.38 -18.95
C GLN D 169 -27.78 -4.81 -18.77
N LEU D 170 -27.49 -5.41 -17.62
CA LEU D 170 -28.00 -6.74 -17.31
C LEU D 170 -29.49 -6.67 -16.96
N ASN D 171 -30.22 -7.76 -17.17
CA ASN D 171 -31.60 -7.82 -16.73
C ASN D 171 -31.73 -8.49 -15.36
N ASP D 172 -32.96 -8.63 -14.88
CA ASP D 172 -33.20 -9.20 -13.57
C ASP D 172 -32.68 -10.64 -13.43
N ALA D 173 -32.86 -11.45 -14.46
CA ALA D 173 -32.38 -12.84 -14.40
C ALA D 173 -30.87 -12.89 -14.32
N GLU D 174 -30.22 -11.99 -15.04
CA GLU D 174 -28.77 -11.98 -15.11
C GLU D 174 -28.11 -11.55 -13.78
N PHE D 175 -28.66 -10.53 -13.14
CA PHE D 175 -28.24 -10.15 -11.79
C PHE D 175 -28.47 -11.29 -10.78
N ALA D 176 -29.65 -11.89 -10.84
CA ALA D 176 -29.98 -12.95 -9.88
C ALA D 176 -29.02 -14.14 -9.99
N LEU D 177 -28.69 -14.53 -11.22
CA LEU D 177 -27.74 -15.60 -11.45
C LEU D 177 -26.35 -15.24 -10.91
N LEU D 178 -25.92 -14.01 -11.16
CA LEU D 178 -24.59 -13.58 -10.76
C LEU D 178 -24.48 -13.55 -9.23
N ILE D 179 -25.55 -13.08 -8.59
CA ILE D 179 -25.65 -13.12 -7.14
C ILE D 179 -25.51 -14.55 -6.57
N ALA D 180 -26.23 -15.51 -7.15
CA ALA D 180 -26.13 -16.89 -6.70
C ALA D 180 -24.73 -17.43 -6.92
N ILE D 181 -24.15 -17.08 -8.06
CA ILE D 181 -22.80 -17.55 -8.40
C ILE D 181 -21.82 -17.01 -7.35
N SER D 182 -21.96 -15.74 -7.01
CA SER D 182 -21.11 -15.11 -6.00
C SER D 182 -21.28 -15.81 -4.64
N ILE D 183 -22.53 -16.04 -4.25
CA ILE D 183 -22.83 -16.69 -2.97
C ILE D 183 -22.18 -18.07 -2.90
N PHE D 184 -22.36 -18.87 -3.95
CA PHE D 184 -21.81 -20.22 -3.98
C PHE D 184 -20.34 -20.27 -4.41
N SER D 185 -19.49 -19.50 -3.73
CA SER D 185 -18.05 -19.50 -3.98
C SER D 185 -17.29 -20.38 -2.98
N ALA D 186 -16.76 -21.50 -3.46
CA ALA D 186 -16.20 -22.51 -2.56
C ALA D 186 -14.93 -22.03 -1.87
N ASP D 187 -14.32 -20.99 -2.40
CA ASP D 187 -13.04 -20.53 -1.89
C ASP D 187 -13.16 -19.50 -0.76
N ARG D 188 -14.37 -19.23 -0.27
CA ARG D 188 -14.51 -18.34 0.88
C ARG D 188 -13.78 -18.98 2.06
N PRO D 189 -13.28 -18.16 2.99
CA PRO D 189 -12.62 -18.71 4.18
C PRO D 189 -13.60 -19.56 4.99
N ASN D 190 -13.12 -20.69 5.52
CA ASN D 190 -13.90 -21.51 6.44
C ASN D 190 -14.99 -22.39 5.81
N VAL D 191 -14.98 -22.50 4.48
CA VAL D 191 -15.91 -23.40 3.81
C VAL D 191 -15.42 -24.82 3.97
N GLN D 192 -16.30 -25.68 4.46
CA GLN D 192 -15.97 -27.08 4.69
C GLN D 192 -16.29 -27.97 3.48
N ASP D 193 -17.55 -28.04 3.06
CA ASP D 193 -17.92 -28.89 1.94
C ASP D 193 -17.71 -28.18 0.60
N GLN D 194 -16.46 -27.90 0.27
CA GLN D 194 -16.14 -27.12 -0.92
C GLN D 194 -16.63 -27.77 -2.21
N LEU D 195 -16.51 -29.09 -2.30
CA LEU D 195 -16.96 -29.82 -3.47
C LEU D 195 -18.45 -29.61 -3.74
N GLN D 196 -19.27 -29.66 -2.69
CA GLN D 196 -20.70 -29.46 -2.84
C GLN D 196 -21.02 -28.00 -3.24
N VAL D 197 -20.34 -27.05 -2.60
CA VAL D 197 -20.52 -25.65 -2.93
C VAL D 197 -20.19 -25.41 -4.40
N GLU D 198 -19.09 -26.01 -4.87
CA GLU D 198 -18.72 -25.88 -6.27
C GLU D 198 -19.77 -26.53 -7.17
N ARG D 199 -20.25 -27.71 -6.79
CA ARG D 199 -21.29 -28.35 -7.59
C ARG D 199 -22.54 -27.48 -7.67
N LEU D 200 -22.87 -26.78 -6.59
CA LEU D 200 -24.04 -25.93 -6.61
C LEU D 200 -23.78 -24.73 -7.51
N GLN D 201 -22.59 -24.15 -7.42
CA GLN D 201 -22.30 -22.98 -8.22
C GLN D 201 -22.33 -23.36 -9.68
N HIS D 202 -21.88 -24.57 -9.98
CA HIS D 202 -21.79 -24.97 -11.37
C HIS D 202 -23.15 -24.92 -12.06
N THR D 203 -24.20 -25.25 -11.31
CA THR D 203 -25.55 -25.25 -11.86
C THR D 203 -25.94 -23.86 -12.35
N TYR D 204 -25.62 -22.84 -11.56
CA TYR D 204 -25.95 -21.46 -11.91
C TYR D 204 -25.09 -20.92 -13.06
N VAL D 205 -23.80 -21.21 -13.05
CA VAL D 205 -22.91 -20.77 -14.12
C VAL D 205 -23.38 -21.30 -15.47
N GLU D 206 -23.74 -22.58 -15.51
CA GLU D 206 -24.21 -23.20 -16.75
C GLU D 206 -25.51 -22.54 -17.22
N ALA D 207 -26.42 -22.32 -16.28
CA ALA D 207 -27.66 -21.64 -16.56
C ALA D 207 -27.37 -20.27 -17.16
N LEU D 208 -26.43 -19.55 -16.54
CA LEU D 208 -26.09 -18.22 -17.01
C LEU D 208 -25.54 -18.24 -18.43
N HIS D 209 -24.74 -19.25 -18.73
CA HIS D 209 -24.14 -19.38 -20.05
C HIS D 209 -25.23 -19.69 -21.09
N ALA D 210 -26.09 -20.66 -20.77
CA ALA D 210 -27.27 -20.91 -21.60
C ALA D 210 -28.07 -19.63 -21.81
N TYR D 211 -28.34 -18.89 -20.73
CA TYR D 211 -29.12 -17.66 -20.83
C TYR D 211 -28.51 -16.65 -21.79
N VAL D 212 -27.19 -16.47 -21.76
CA VAL D 212 -26.54 -15.55 -22.69
C VAL D 212 -26.63 -16.06 -24.13
N SER D 213 -26.45 -17.37 -24.30
CA SER D 213 -26.48 -17.97 -25.63
C SER D 213 -27.85 -17.78 -26.28
N ILE D 214 -28.90 -17.86 -25.48
CA ILE D 214 -30.25 -17.75 -25.99
C ILE D 214 -30.68 -16.30 -26.12
N ASN D 215 -30.40 -15.51 -25.10
CA ASN D 215 -30.93 -14.15 -25.06
C ASN D 215 -29.98 -13.05 -25.53
N HIS D 216 -28.72 -13.41 -25.76
CA HIS D 216 -27.76 -12.50 -26.40
C HIS D 216 -27.04 -13.25 -27.50
N PRO D 217 -27.80 -13.79 -28.46
CA PRO D 217 -27.23 -14.67 -29.48
C PRO D 217 -26.19 -13.97 -30.37
N HIS D 218 -26.23 -12.66 -30.45
CA HIS D 218 -25.24 -11.96 -31.30
C HIS D 218 -24.25 -11.16 -30.45
N ASP D 219 -24.15 -11.50 -29.18
CA ASP D 219 -23.21 -10.82 -28.30
C ASP D 219 -22.65 -11.80 -27.24
N PRO D 220 -21.92 -12.84 -27.68
CA PRO D 220 -21.39 -13.86 -26.74
C PRO D 220 -20.46 -13.30 -25.65
N LEU D 221 -19.76 -12.21 -25.95
CA LEU D 221 -18.85 -11.57 -25.01
C LEU D 221 -19.55 -11.16 -23.71
N MET D 222 -20.87 -11.15 -23.72
CA MET D 222 -21.63 -10.79 -22.53
C MET D 222 -21.34 -11.76 -21.39
N PHE D 223 -21.10 -13.03 -21.74
CA PHE D 223 -20.82 -14.05 -20.74
C PHE D 223 -19.51 -13.79 -19.99
N PRO D 224 -18.35 -13.80 -20.70
CA PRO D 224 -17.11 -13.50 -19.99
C PRO D 224 -17.14 -12.13 -19.30
N ARG D 225 -17.78 -11.15 -19.91
CA ARG D 225 -17.88 -9.83 -19.28
C ARG D 225 -18.55 -9.96 -17.92
N MET D 226 -19.62 -10.72 -17.85
CA MET D 226 -20.31 -10.88 -16.58
C MET D 226 -19.44 -11.64 -15.58
N LEU D 227 -18.79 -12.71 -16.01
CA LEU D 227 -17.98 -13.51 -15.11
C LEU D 227 -16.80 -12.71 -14.55
N MET D 228 -16.23 -11.84 -15.36
CA MET D 228 -15.09 -11.04 -14.89
C MET D 228 -15.50 -10.02 -13.83
N LYS D 229 -16.78 -9.65 -13.80
CA LYS D 229 -17.26 -8.81 -12.71
C LYS D 229 -17.08 -9.54 -11.38
N LEU D 230 -17.07 -10.86 -11.39
CA LEU D 230 -16.83 -11.59 -10.13
C LEU D 230 -15.42 -11.35 -9.62
N VAL D 231 -14.50 -11.14 -10.55
CA VAL D 231 -13.12 -10.77 -10.21
C VAL D 231 -13.06 -9.37 -9.59
N SER D 232 -13.69 -8.39 -10.25
CA SER D 232 -13.71 -7.02 -9.71
C SER D 232 -14.25 -7.02 -8.29
N LEU D 233 -15.19 -7.92 -8.01
CA LEU D 233 -15.81 -7.94 -6.71
C LEU D 233 -14.80 -8.36 -5.63
N ARG D 234 -13.80 -9.17 -6.00
CA ARG D 234 -12.77 -9.55 -5.03
C ARG D 234 -11.95 -8.34 -4.63
N THR D 235 -11.59 -7.52 -5.60
CA THR D 235 -10.85 -6.30 -5.30
C THR D 235 -11.69 -5.35 -4.44
N LEU D 236 -12.94 -5.17 -4.83
CA LEU D 236 -13.83 -4.28 -4.09
C LEU D 236 -13.96 -4.73 -2.63
N SER D 237 -14.02 -6.05 -2.43
CA SER D 237 -14.08 -6.60 -1.10
C SER D 237 -12.85 -6.20 -0.28
N SER D 238 -11.67 -6.21 -0.91
CA SER D 238 -10.48 -5.74 -0.23
C SER D 238 -10.58 -4.24 0.10
N VAL D 239 -11.03 -3.47 -0.88
CA VAL D 239 -11.26 -2.04 -0.66
C VAL D 239 -12.18 -1.81 0.53
N HIS D 240 -13.26 -2.58 0.61
CA HIS D 240 -14.16 -2.50 1.76
C HIS D 240 -13.45 -2.83 3.08
N SER D 241 -12.69 -3.91 3.11
CA SER D 241 -11.96 -4.30 4.31
C SER D 241 -11.05 -3.17 4.79
N GLU D 242 -10.48 -2.44 3.84
CA GLU D 242 -9.64 -1.32 4.21
C GLU D 242 -10.48 -0.18 4.78
N GLN D 243 -11.64 0.08 4.20
CA GLN D 243 -12.52 1.09 4.74
C GLN D 243 -12.96 0.72 6.17
N VAL D 244 -13.20 -0.56 6.39
CA VAL D 244 -13.59 -1.03 7.73
C VAL D 244 -12.52 -0.68 8.77
N PHE D 245 -11.25 -0.86 8.41
CA PHE D 245 -10.18 -0.50 9.33
C PHE D 245 -10.20 1.01 9.57
N ALA D 246 -10.34 1.78 8.50
CA ALA D 246 -10.34 3.23 8.65
C ALA D 246 -11.45 3.71 9.58
N LEU D 247 -12.57 2.98 9.62
CA LEU D 247 -13.65 3.32 10.54
C LEU D 247 -13.18 3.16 11.98
N ARG D 248 -12.41 2.11 12.25
CA ARG D 248 -11.87 1.92 13.58
C ARG D 248 -11.02 3.12 13.99
N LEU D 249 -10.19 3.59 13.07
CA LEU D 249 -9.37 4.77 13.36
C LEU D 249 -10.20 5.97 13.78
N GLN D 250 -11.43 6.07 13.27
CA GLN D 250 -12.30 7.21 13.62
C GLN D 250 -13.26 6.83 14.72
N ASP D 251 -13.06 5.65 15.30
CA ASP D 251 -14.01 5.06 16.23
C ASP D 251 -15.46 5.32 15.78
N LYS D 252 -15.75 5.00 14.52
CA LYS D 252 -17.13 4.98 14.05
C LYS D 252 -17.60 3.55 14.16
N LYS D 253 -18.34 3.27 15.21
CA LYS D 253 -18.77 1.91 15.52
C LYS D 253 -19.83 1.39 14.55
N LEU D 254 -19.64 0.17 14.08
CA LEU D 254 -20.63 -0.52 13.27
C LEU D 254 -21.68 -1.12 14.19
N PRO D 255 -22.94 -1.17 13.74
CA PRO D 255 -23.95 -1.88 14.52
C PRO D 255 -23.59 -3.37 14.68
N PRO D 256 -24.20 -4.04 15.66
CA PRO D 256 -23.85 -5.43 15.99
C PRO D 256 -23.81 -6.40 14.81
N LEU D 257 -24.84 -6.42 13.98
CA LEU D 257 -24.82 -7.32 12.83
C LEU D 257 -23.62 -7.03 11.94
N LEU D 258 -23.48 -5.78 11.50
CA LEU D 258 -22.40 -5.43 10.56
C LEU D 258 -21.04 -5.70 11.17
N SER D 259 -20.93 -5.46 12.48
CA SER D 259 -19.69 -5.73 13.18
C SER D 259 -19.37 -7.23 13.16
N GLU D 260 -20.39 -8.05 13.41
CA GLU D 260 -20.22 -9.50 13.35
C GLU D 260 -19.60 -10.00 12.06
N ILE D 261 -20.11 -9.51 10.93
CA ILE D 261 -19.69 -10.03 9.65
C ILE D 261 -18.42 -9.39 9.09
N TRP D 262 -18.11 -8.16 9.51
CA TRP D 262 -16.94 -7.45 8.97
C TRP D 262 -15.79 -7.15 9.94
N ASP D 263 -16.08 -6.81 11.19
CA ASP D 263 -14.99 -6.50 12.12
C ASP D 263 -14.17 -7.75 12.38
N VAL D 264 -14.84 -8.72 12.98
CA VAL D 264 -14.29 -10.02 13.30
C VAL D 264 -15.40 -11.04 13.04
C1 REA E . 4.53 -5.96 14.23
C2 REA E . 5.31 -7.13 14.83
C3 REA E . 6.26 -6.78 15.97
C4 REA E . 6.86 -5.39 15.82
C5 REA E . 5.70 -4.43 15.88
C6 REA E . 4.55 -4.73 15.13
C7 REA E . 3.32 -3.94 15.15
C8 REA E . 3.23 -2.57 15.66
C9 REA E . 1.94 -1.88 15.59
C10 REA E . 1.41 -1.22 16.79
C11 REA E . 1.01 -2.01 17.96
C12 REA E . 0.18 -1.38 19.00
C13 REA E . 0.33 -1.68 20.43
C14 REA E . -0.20 -0.76 21.36
C15 REA E . -0.17 -0.95 22.82
C16 REA E . 3.07 -6.39 14.10
C17 REA E . 5.05 -5.61 12.84
C18 REA E . 5.83 -3.24 16.78
C19 REA E . 1.22 -1.79 14.28
C20 REA E . 1.04 -2.93 20.86
O1 REA E . -0.32 0.04 23.57
O2 REA E . -0.01 -2.07 23.33
F40 LX2 F . 15.62 4.99 -9.51
C37 LX2 F . 16.88 4.75 -9.21
F38 LX2 F . 17.43 4.16 -10.27
F39 LX2 F . 16.92 3.94 -8.19
C34 LX2 F . 17.55 6.06 -8.87
C35 LX2 F . 17.82 7.05 -9.93
CL36 LX2 F . 17.35 6.60 -11.59
C33 LX2 F . 17.91 6.38 -7.58
C32 LX2 F . 18.51 7.63 -7.33
C31 LX2 F . 18.76 8.56 -8.33
C30 LX2 F . 18.42 8.28 -9.65
C29 LX2 F . 18.70 9.29 -10.74
N14 LX2 F . 18.37 10.65 -10.36
C15 LX2 F . 16.94 10.94 -10.24
C16 LX2 F . 16.68 12.10 -9.25
C23 LX2 F . 16.98 11.69 -7.85
C24 LX2 F . 17.82 12.48 -7.07
C25 LX2 F . 18.09 12.10 -5.75
C26 LX2 F . 17.52 10.95 -5.22
C27 LX2 F . 16.67 10.17 -6.01
C28 LX2 F . 16.39 10.55 -7.32
C17 LX2 F . 15.25 12.53 -9.37
C18 LX2 F . 14.28 11.61 -9.74
C19 LX2 F . 12.94 12.00 -9.87
C20 LX2 F . 12.58 13.33 -9.65
C21 LX2 F . 13.56 14.24 -9.28
C22 LX2 F . 14.89 13.85 -9.15
C13 LX2 F . 19.13 11.68 -11.04
C12 LX2 F . 20.62 11.48 -10.73
C11 LX2 F . 21.08 12.63 -9.85
O10 LX2 F . 22.44 12.56 -9.44
C9 LX2 F . 22.92 13.58 -8.65
C8 LX2 F . 24.09 14.23 -8.96
C44 LX2 F . 24.62 15.24 -8.22
C43 LX2 F . 23.89 15.64 -7.04
C42 LX2 F . 22.70 14.99 -6.71
C41 LX2 F . 22.21 13.96 -7.51
C7 LX2 F . 24.90 13.93 -10.05
C6 LX2 F . 25.94 14.85 -9.93
N5 LX2 F . 25.76 15.61 -8.82
C4 LX2 F . 26.66 16.69 -8.38
C2 LX2 F . 26.23 17.95 -9.08
O1 LX2 F . 26.91 18.97 -8.93
O3 LX2 F . 25.20 17.91 -9.80
C1 REA G . 4.03 -14.99 0.28
C2 REA G . 4.29 -16.15 1.25
C3 REA G . 3.20 -17.22 1.19
C4 REA G . 3.16 -17.86 -0.20
C5 REA G . 3.06 -16.78 -1.27
C6 REA G . 3.64 -15.52 -1.09
C7 REA G . 3.96 -14.61 -2.20
C8 REA G . 4.06 -15.07 -3.59
C9 REA G . 4.38 -14.09 -4.62
C10 REA G . 5.48 -14.39 -5.54
C11 REA G . 5.65 -15.75 -6.05
C12 REA G . 6.58 -15.96 -7.16
C13 REA G . 7.25 -17.25 -7.36
C14 REA G . 7.83 -17.48 -8.61
C15 REA G . 8.32 -18.78 -9.08
C16 REA G . 5.31 -14.21 0.13
C17 REA G . 2.93 -14.07 0.79
C18 REA G . 2.32 -17.16 -2.52
C19 REA G . 3.63 -12.79 -4.70
C20 REA G . 7.29 -18.25 -6.24
O1 REA G . 8.08 -19.10 -10.25
O2 REA G . 9.00 -19.55 -8.34
F40 LX2 H . -18.41 1.21 5.49
C37 LX2 H . -19.26 0.33 6.00
F38 LX2 H . -19.80 0.86 7.08
F39 LX2 H . -18.61 -0.77 6.37
C34 LX2 H . -20.28 0.00 4.96
C35 LX2 H . -21.39 0.95 4.69
CL36 LX2 H . -21.45 2.46 5.63
C33 LX2 H . -20.24 -1.16 4.22
C32 LX2 H . -21.22 -1.42 3.27
C31 LX2 H . -22.26 -0.52 3.02
C30 LX2 H . -22.34 0.66 3.72
C29 LX2 H . -23.47 1.65 3.47
N14 LX2 H . -23.66 1.95 2.04
C15 LX2 H . -22.52 2.53 1.33
C16 LX2 H . -22.57 2.11 -0.15
C23 LX2 H . -22.12 0.71 -0.29
C24 LX2 H . -22.94 -0.24 -0.89
C25 LX2 H . -22.52 -1.56 -1.02
C26 LX2 H . -21.26 -1.94 -0.57
C27 LX2 H . -20.43 -0.99 0.03
C28 LX2 H . -20.85 0.32 0.17
C17 LX2 H . -21.72 3.02 -0.99
C18 LX2 H . -20.52 3.53 -0.48
C19 LX2 H . -19.73 4.37 -1.27
C20 LX2 H . -20.13 4.70 -2.56
C21 LX2 H . -21.32 4.20 -3.06
C22 LX2 H . -22.12 3.35 -2.28
C13 LX2 H . -24.98 2.49 1.71
C12 LX2 H . -26.00 1.45 2.18
C11 LX2 H . -26.38 0.56 0.99
O10 LX2 H . -27.43 -0.35 1.32
C9 LX2 H . -28.04 -1.04 0.30
C8 LX2 H . -29.42 -1.22 0.29
C44 LX2 H . -30.08 -1.90 -0.71
C43 LX2 H . -29.29 -2.46 -1.77
C42 LX2 H . -27.91 -2.29 -1.76
C41 LX2 H . -27.29 -1.58 -0.73
C7 LX2 H . -30.30 -0.75 1.24
C6 LX2 H . -31.54 -1.18 0.75
N5 LX2 H . -31.40 -1.87 -0.42
C4 LX2 H . -32.47 -2.49 -1.21
C2 LX2 H . -33.16 -1.44 -2.08
O1 LX2 H . -34.24 -1.74 -2.64
O3 LX2 H . -32.63 -0.31 -2.22
#